data_3CZX
#
_entry.id   3CZX
#
_cell.length_a   67.955
_cell.length_b   65.039
_cell.length_c   79.319
_cell.angle_alpha   90.00
_cell.angle_beta   109.53
_cell.angle_gamma   90.00
#
_symmetry.space_group_name_H-M   'P 1 21 1'
#
loop_
_entity.id
_entity.type
_entity.pdbx_description
1 polymer 'Putative N-acetylmuramoyl-L-alanine amidase'
2 non-polymer 'ZINC ION'
3 water water
#
_entity_poly.entity_id   1
_entity_poly.type   'polypeptide(L)'
_entity_poly.pdbx_seq_one_letter_code
;A(MSE)SKIICLTAGHSNTDPGAVNGSDREADLAQD(MSE)RNIVASILRNDYGLTVKTDGTGKGN(MSE)PLRDAVKLI
RGSDVAIEFHTNAAANKTATGIEALSTPKNKRWCQVLGKAVAKKTGWKLRGEDGFKPDNAGQHSRLAYAQAGGIVFEPFF
ISNDTDLALFKTTKWGICRAIADAIA(MSE)ELGAAKV
;
_entity_poly.pdbx_strand_id   A,B,C,D
#
# COMPACT_ATOMS: atom_id res chain seq x y z
N ALA A 1 -1.10 -0.55 -14.54
CA ALA A 1 -1.85 0.58 -13.90
C ALA A 1 -1.11 1.89 -14.08
N SER A 3 0.37 2.87 -16.73
CA SER A 3 0.07 3.40 -18.06
C SER A 3 -1.35 3.97 -18.11
N LYS A 4 -2.16 3.68 -17.08
CA LYS A 4 -3.57 4.06 -17.06
C LYS A 4 -3.73 5.55 -16.71
N ILE A 5 -4.81 6.14 -17.19
CA ILE A 5 -5.14 7.54 -16.91
C ILE A 5 -6.54 7.59 -16.30
N ILE A 6 -6.62 8.17 -15.10
CA ILE A 6 -7.88 8.36 -14.40
C ILE A 6 -8.23 9.83 -14.54
N CYS A 7 -9.44 10.14 -14.98
CA CYS A 7 -9.94 11.51 -15.07
C CYS A 7 -10.95 11.70 -13.95
N LEU A 8 -10.75 12.72 -13.11
CA LEU A 8 -11.70 13.08 -12.09
C LEU A 8 -12.09 14.55 -12.21
N THR A 9 -13.39 14.83 -12.26
CA THR A 9 -13.85 16.23 -12.25
C THR A 9 -14.94 16.43 -11.25
N ALA A 10 -15.27 17.70 -11.01
CA ALA A 10 -16.32 18.08 -10.06
C ALA A 10 -17.43 18.76 -10.81
N GLY A 11 -18.67 18.45 -10.46
CA GLY A 11 -19.80 19.16 -11.02
C GLY A 11 -19.94 20.55 -10.44
N HIS A 12 -20.50 21.44 -11.26
CA HIS A 12 -20.94 22.76 -10.81
C HIS A 12 -19.81 23.71 -10.44
N SER A 13 -20.17 24.94 -10.09
CA SER A 13 -19.18 26.03 -9.93
C SER A 13 -19.56 26.99 -8.80
N ASN A 14 -18.69 27.98 -8.55
CA ASN A 14 -18.89 28.92 -7.42
C ASN A 14 -20.07 29.84 -7.64
N THR A 15 -20.35 30.13 -8.92
CA THR A 15 -21.46 30.99 -9.32
C THR A 15 -22.76 30.20 -9.48
N ASP A 16 -22.66 28.96 -10.00
CA ASP A 16 -23.82 28.06 -10.18
C ASP A 16 -23.59 26.73 -9.45
N PRO A 17 -23.84 26.73 -8.13
CA PRO A 17 -23.33 25.68 -7.24
C PRO A 17 -24.11 24.38 -7.13
N GLY A 18 -25.09 24.16 -8.01
CA GLY A 18 -25.90 22.95 -7.93
C GLY A 18 -26.84 23.00 -6.75
N ALA A 19 -27.23 21.85 -6.23
CA ALA A 19 -28.18 21.76 -5.12
C ALA A 19 -27.53 22.26 -3.83
N VAL A 20 -28.36 22.82 -2.96
CA VAL A 20 -27.94 23.38 -1.68
C VAL A 20 -28.82 22.81 -0.58
N ASN A 21 -28.22 22.57 0.58
CA ASN A 21 -28.95 22.21 1.78
C ASN A 21 -28.33 23.04 2.89
N GLY A 22 -29.00 24.11 3.30
CA GLY A 22 -28.38 25.03 4.24
C GLY A 22 -27.16 25.66 3.62
N SER A 23 -26.05 25.67 4.36
CA SER A 23 -24.80 26.19 3.81
C SER A 23 -23.95 25.09 3.15
N ASP A 24 -24.49 23.89 3.06
CA ASP A 24 -23.85 22.85 2.25
C ASP A 24 -24.25 22.98 0.79
N ARG A 25 -23.25 23.07 -0.08
CA ARG A 25 -23.45 23.25 -1.51
C ARG A 25 -22.87 22.09 -2.29
N GLU A 26 -23.63 21.60 -3.26
CA GLU A 26 -23.15 20.53 -4.16
C GLU A 26 -21.77 20.82 -4.71
N ALA A 27 -21.55 22.05 -5.15
CA ALA A 27 -20.27 22.41 -5.78
C ALA A 27 -19.10 22.16 -4.83
N ASP A 28 -19.35 22.41 -3.54
CA ASP A 28 -18.29 22.33 -2.54
C ASP A 28 -18.07 20.88 -2.21
N LEU A 29 -19.16 20.11 -2.05
CA LEU A 29 -19.03 18.66 -1.76
C LEU A 29 -18.34 17.94 -2.93
N ALA A 30 -18.65 18.34 -4.16
CA ALA A 30 -18.06 17.73 -5.34
C ALA A 30 -16.56 18.06 -5.45
N GLN A 31 -16.18 19.31 -5.18
CA GLN A 31 -14.79 19.72 -5.07
C GLN A 31 -14.05 18.83 -4.05
N ASP A 32 -14.64 18.63 -2.88
CA ASP A 32 -13.98 17.82 -1.86
C ASP A 32 -13.80 16.40 -2.39
N ARG A 34 -13.64 15.18 -5.48
CA ARG A 34 -12.62 15.13 -6.55
C ARG A 34 -11.20 15.29 -5.94
N ASN A 35 -11.03 16.32 -5.09
CA ASN A 35 -9.70 16.60 -4.55
C ASN A 35 -9.16 15.47 -3.69
N ILE A 36 -10.01 14.92 -2.84
CA ILE A 36 -9.57 13.90 -1.88
C ILE A 36 -9.28 12.62 -2.63
N VAL A 37 -10.19 12.20 -3.52
CA VAL A 37 -9.93 10.98 -4.25
C VAL A 37 -8.67 11.12 -5.10
N ALA A 38 -8.50 12.26 -5.74
CA ALA A 38 -7.32 12.52 -6.59
C ALA A 38 -6.05 12.44 -5.77
N SER A 39 -6.07 13.10 -4.61
CA SER A 39 -4.86 13.15 -3.77
C SER A 39 -4.41 11.75 -3.29
N ILE A 40 -5.37 10.87 -2.97
CA ILE A 40 -5.09 9.53 -2.49
C ILE A 40 -4.56 8.68 -3.65
N LEU A 41 -5.17 8.79 -4.82
CA LEU A 41 -4.69 8.02 -5.97
C LEU A 41 -3.24 8.41 -6.29
N ARG A 42 -2.95 9.70 -6.22
CA ARG A 42 -1.55 10.19 -6.45
C ARG A 42 -0.62 9.81 -5.30
N ASN A 43 -0.97 10.13 -4.05
CA ASN A 43 -0.09 9.83 -2.88
C ASN A 43 0.14 8.40 -2.56
N ASP A 44 -0.93 7.63 -2.40
CA ASP A 44 -0.80 6.26 -1.92
C ASP A 44 -0.40 5.31 -3.03
N TYR A 45 -0.76 5.64 -4.27
CA TYR A 45 -0.58 4.71 -5.37
C TYR A 45 0.30 5.17 -6.53
N GLY A 46 0.70 6.45 -6.55
CA GLY A 46 1.49 6.98 -7.65
C GLY A 46 0.85 6.96 -9.03
N LEU A 47 -0.49 6.96 -9.06
CA LEU A 47 -1.25 6.87 -10.29
C LEU A 47 -1.38 8.23 -10.99
N THR A 48 -1.58 8.17 -12.30
CA THR A 48 -1.81 9.34 -13.14
C THR A 48 -3.27 9.69 -13.06
N VAL A 49 -3.51 10.89 -12.55
CA VAL A 49 -4.84 11.48 -12.50
C VAL A 49 -4.86 12.81 -13.22
N LYS A 50 -5.82 12.99 -14.10
CA LYS A 50 -6.07 14.29 -14.73
C LYS A 50 -7.37 14.84 -14.18
N THR A 51 -7.36 16.12 -13.81
CA THR A 51 -8.53 16.75 -13.25
C THR A 51 -8.81 18.09 -13.92
N ASP A 52 -9.94 18.67 -13.50
CA ASP A 52 -10.29 20.07 -13.74
C ASP A 52 -9.76 20.99 -12.63
N GLY A 53 -8.71 20.57 -11.95
CA GLY A 53 -8.05 21.37 -10.88
C GLY A 53 -8.47 21.06 -9.47
N THR A 54 -8.11 21.95 -8.54
CA THR A 54 -8.43 21.79 -7.13
C THR A 54 -9.51 22.78 -6.64
N GLY A 55 -9.93 23.68 -7.54
CA GLY A 55 -10.99 24.67 -7.23
C GLY A 55 -12.35 24.09 -7.51
N LYS A 56 -13.32 24.94 -7.86
CA LYS A 56 -14.66 24.45 -8.19
C LYS A 56 -14.65 23.77 -9.57
N GLY A 57 -15.74 23.13 -9.94
CA GLY A 57 -15.75 22.34 -11.16
C GLY A 57 -16.51 23.00 -12.31
N ASN A 58 -17.31 22.19 -13.01
CA ASN A 58 -18.04 22.58 -14.23
C ASN A 58 -17.17 22.97 -15.42
N PRO A 60 -15.92 23.14 -19.08
CA PRO A 60 -16.73 23.11 -20.30
C PRO A 60 -16.82 21.72 -20.90
N LEU A 61 -18.02 21.33 -21.30
CA LEU A 61 -18.29 20.01 -21.87
C LEU A 61 -17.28 19.64 -22.94
N ARG A 62 -17.02 20.55 -23.88
CA ARG A 62 -16.04 20.31 -24.94
C ARG A 62 -14.70 19.88 -24.36
N ASP A 63 -14.24 20.57 -23.33
CA ASP A 63 -12.96 20.24 -22.71
C ASP A 63 -13.03 18.95 -21.89
N ALA A 64 -14.16 18.76 -21.22
CA ALA A 64 -14.36 17.56 -20.41
C ALA A 64 -14.32 16.32 -21.30
N VAL A 65 -15.02 16.40 -22.42
CA VAL A 65 -15.12 15.26 -23.34
C VAL A 65 -13.78 14.88 -23.90
N LYS A 66 -12.95 15.88 -24.19
CA LYS A 66 -11.59 15.62 -24.61
C LYS A 66 -10.85 14.79 -23.56
N LEU A 67 -11.05 15.13 -22.28
CA LEU A 67 -10.41 14.39 -21.16
C LEU A 67 -10.99 12.98 -21.04
N ILE A 68 -12.30 12.86 -21.22
CA ILE A 68 -12.94 11.54 -21.14
C ILE A 68 -12.30 10.63 -22.19
N ARG A 69 -12.19 11.16 -23.41
CA ARG A 69 -11.66 10.37 -24.52
C ARG A 69 -10.21 9.94 -24.27
N GLY A 70 -9.43 10.81 -23.63
CA GLY A 70 -8.04 10.49 -23.30
C GLY A 70 -7.79 9.63 -22.07
N SER A 71 -8.84 9.14 -21.41
CA SER A 71 -8.70 8.38 -20.16
C SER A 71 -9.27 6.98 -20.21
N ASP A 72 -8.85 6.15 -19.26
CA ASP A 72 -9.40 4.81 -19.05
C ASP A 72 -10.65 4.72 -18.17
N VAL A 73 -10.71 5.56 -17.14
CA VAL A 73 -11.97 5.81 -16.45
C VAL A 73 -12.07 7.32 -16.18
N ALA A 74 -13.27 7.87 -16.32
CA ALA A 74 -13.54 9.28 -16.10
C ALA A 74 -14.77 9.43 -15.23
N ILE A 75 -14.63 10.13 -14.10
CA ILE A 75 -15.70 10.28 -13.12
C ILE A 75 -15.91 11.74 -12.76
N GLU A 76 -17.14 12.23 -12.88
CA GLU A 76 -17.51 13.54 -12.38
C GLU A 76 -18.41 13.41 -11.17
N PHE A 77 -17.99 14.01 -10.06
CA PHE A 77 -18.68 13.88 -8.80
C PHE A 77 -19.81 14.91 -8.71
N HIS A 78 -20.96 14.42 -8.34
CA HIS A 78 -22.18 15.20 -8.11
C HIS A 78 -22.87 14.70 -6.86
N THR A 79 -23.88 15.44 -6.39
CA THR A 79 -24.82 14.93 -5.40
C THR A 79 -26.22 14.87 -6.04
N ASN A 80 -26.96 13.84 -5.66
CA ASN A 80 -28.36 13.72 -6.04
C ASN A 80 -29.19 14.69 -5.21
N ALA A 81 -30.43 14.90 -5.59
CA ALA A 81 -31.33 15.78 -4.87
C ALA A 81 -32.77 15.41 -5.25
N ALA A 82 -33.67 15.50 -4.29
CA ALA A 82 -35.10 15.33 -4.49
C ALA A 82 -35.87 16.27 -3.57
N ALA A 83 -37.07 16.65 -4.00
CA ALA A 83 -37.98 17.36 -3.11
C ALA A 83 -38.34 16.46 -1.92
N ASN A 84 -38.39 15.17 -2.15
CA ASN A 84 -38.63 14.19 -1.10
C ASN A 84 -37.35 14.00 -0.29
N LYS A 85 -37.33 14.56 0.91
CA LYS A 85 -36.11 14.59 1.73
C LYS A 85 -35.80 13.26 2.42
N THR A 86 -36.59 12.21 2.12
CA THR A 86 -36.29 10.87 2.52
C THR A 86 -35.69 10.04 1.36
N ALA A 87 -35.67 10.57 0.14
CA ALA A 87 -35.03 9.88 -1.02
C ALA A 87 -33.57 9.61 -0.63
N THR A 88 -33.08 8.42 -0.96
CA THR A 88 -31.76 8.00 -0.52
C THR A 88 -31.14 7.03 -1.51
N GLY A 89 -29.82 6.98 -1.55
CA GLY A 89 -29.09 5.88 -2.19
C GLY A 89 -28.05 6.41 -3.17
N ILE A 90 -27.33 5.45 -3.74
CA ILE A 90 -26.15 5.64 -4.56
C ILE A 90 -26.44 5.30 -5.99
N GLU A 91 -26.03 6.16 -6.89
CA GLU A 91 -26.07 5.80 -8.29
C GLU A 91 -25.02 6.50 -9.12
N ALA A 92 -24.75 5.88 -10.25
CA ALA A 92 -23.74 6.38 -11.20
C ALA A 92 -24.32 6.15 -12.58
N LEU A 93 -24.35 7.22 -13.37
CA LEU A 93 -24.96 7.25 -14.68
C LEU A 93 -23.86 7.16 -15.72
N SER A 94 -23.94 6.20 -16.64
CA SER A 94 -22.96 6.16 -17.71
C SER A 94 -23.49 5.29 -18.84
N THR A 95 -22.66 5.13 -19.85
CA THR A 95 -22.91 4.12 -20.92
C THR A 95 -22.72 2.70 -20.35
N PRO A 96 -23.37 1.71 -20.96
CA PRO A 96 -23.17 0.34 -20.55
C PRO A 96 -21.73 -0.15 -20.50
N LYS A 97 -20.88 0.37 -21.38
CA LYS A 97 -19.46 0.08 -21.32
C LYS A 97 -18.90 0.23 -19.89
N ASN A 98 -19.37 1.24 -19.20
CA ASN A 98 -18.89 1.60 -17.86
C ASN A 98 -19.71 0.97 -16.71
N LYS A 99 -20.59 0.01 -16.98
CA LYS A 99 -21.40 -0.58 -15.91
C LYS A 99 -20.55 -1.16 -14.76
N ARG A 100 -19.55 -1.94 -15.10
CA ARG A 100 -18.68 -2.51 -14.11
C ARG A 100 -18.03 -1.41 -13.29
N TRP A 101 -17.49 -0.38 -13.92
CA TRP A 101 -16.88 0.71 -13.15
C TRP A 101 -17.88 1.37 -12.22
N CYS A 102 -19.09 1.62 -12.70
CA CYS A 102 -20.17 2.21 -11.87
C CYS A 102 -20.44 1.35 -10.64
N GLN A 103 -20.40 0.04 -10.84
CA GLN A 103 -20.71 -0.92 -9.78
C GLN A 103 -19.54 -0.99 -8.76
N VAL A 104 -18.31 -0.93 -9.26
CA VAL A 104 -17.12 -0.89 -8.39
C VAL A 104 -17.18 0.35 -7.48
N LEU A 105 -17.48 1.50 -8.09
CA LEU A 105 -17.56 2.78 -7.33
C LEU A 105 -18.69 2.70 -6.32
N GLY A 106 -19.86 2.25 -6.76
CA GLY A 106 -21.04 2.24 -5.90
C GLY A 106 -20.86 1.33 -4.69
N LYS A 107 -20.31 0.14 -4.92
CA LYS A 107 -20.13 -0.83 -3.87
C LYS A 107 -19.14 -0.33 -2.84
N ALA A 108 -18.09 0.35 -3.29
CA ALA A 108 -17.10 0.91 -2.40
C ALA A 108 -17.77 1.86 -1.39
N VAL A 109 -18.67 2.70 -1.89
CA VAL A 109 -19.37 3.66 -1.03
C VAL A 109 -20.42 2.97 -0.13
N ALA A 110 -21.17 2.02 -0.69
CA ALA A 110 -22.15 1.26 0.09
C ALA A 110 -21.53 0.54 1.29
N LYS A 111 -20.38 -0.10 1.09
CA LYS A 111 -19.70 -0.84 2.18
C LYS A 111 -19.42 0.10 3.35
N LYS A 112 -19.00 1.33 3.05
CA LYS A 112 -18.58 2.26 4.09
C LYS A 112 -19.76 2.94 4.80
N THR A 113 -20.91 2.95 4.15
CA THR A 113 -22.05 3.80 4.60
C THR A 113 -23.34 3.09 4.94
N GLY A 114 -23.55 1.89 4.42
CA GLY A 114 -24.85 1.24 4.53
C GLY A 114 -25.92 1.89 3.65
N TRP A 115 -25.51 2.77 2.72
CA TRP A 115 -26.45 3.38 1.78
C TRP A 115 -26.87 2.35 0.74
N LYS A 116 -28.10 2.51 0.26
CA LYS A 116 -28.68 1.60 -0.72
C LYS A 116 -28.08 1.85 -2.10
N LEU A 117 -27.73 0.78 -2.82
CA LEU A 117 -27.36 0.85 -4.24
C LEU A 117 -28.65 0.91 -5.08
N ARG A 118 -28.84 2.00 -5.80
CA ARG A 118 -29.93 2.20 -6.72
C ARG A 118 -29.55 1.60 -8.08
N GLY A 119 -30.51 1.42 -8.96
CA GLY A 119 -30.21 0.82 -10.27
C GLY A 119 -29.69 -0.57 -10.13
N GLU A 120 -28.81 -0.96 -11.06
CA GLU A 120 -28.22 -2.30 -11.03
C GLU A 120 -26.93 -2.23 -10.24
N ASP A 121 -27.03 -2.46 -8.94
CA ASP A 121 -25.88 -2.40 -8.05
C ASP A 121 -25.13 -1.08 -8.26
N GLY A 122 -25.91 0.00 -8.44
CA GLY A 122 -25.38 1.35 -8.53
C GLY A 122 -25.31 1.96 -9.92
N PHE A 123 -25.57 1.15 -10.94
CA PHE A 123 -25.49 1.63 -12.34
C PHE A 123 -26.86 2.01 -12.89
N LYS A 124 -26.93 3.19 -13.52
CA LYS A 124 -28.06 3.58 -14.31
C LYS A 124 -27.55 3.99 -15.69
N PRO A 125 -28.25 3.54 -16.76
CA PRO A 125 -27.74 3.80 -18.11
C PRO A 125 -28.06 5.18 -18.61
N ASP A 126 -27.21 5.69 -19.50
CA ASP A 126 -27.41 7.02 -20.06
C ASP A 126 -28.71 7.16 -20.88
N ASN A 127 -29.11 6.08 -21.56
CA ASN A 127 -30.27 6.14 -22.47
C ASN A 127 -31.58 6.44 -21.76
N ALA A 128 -31.59 6.30 -20.44
CA ALA A 128 -32.77 6.58 -19.62
C ALA A 128 -32.53 7.74 -18.63
N GLY A 129 -31.41 8.43 -18.79
CA GLY A 129 -30.96 9.41 -17.79
C GLY A 129 -31.56 10.79 -17.97
N GLN A 130 -31.68 11.51 -16.88
CA GLN A 130 -32.05 12.92 -16.88
C GLN A 130 -31.05 13.65 -15.98
N HIS A 131 -30.20 14.49 -16.56
CA HIS A 131 -29.12 15.13 -15.78
C HIS A 131 -28.53 16.34 -16.49
N SER A 132 -28.17 17.39 -15.73
CA SER A 132 -27.45 18.55 -16.30
C SER A 132 -26.18 18.20 -17.06
N ARG A 133 -25.52 17.10 -16.68
CA ARG A 133 -24.30 16.65 -17.31
C ARG A 133 -24.51 15.27 -17.95
N LEU A 134 -25.74 14.98 -18.36
CA LEU A 134 -26.03 13.76 -19.12
C LEU A 134 -25.08 13.64 -20.30
N ALA A 135 -24.73 14.77 -20.93
CA ALA A 135 -23.75 14.75 -22.05
C ALA A 135 -22.39 14.13 -21.70
N TYR A 136 -21.97 14.32 -20.44
CA TYR A 136 -20.73 13.74 -19.90
C TYR A 136 -20.86 12.21 -19.83
N ALA A 137 -22.01 11.76 -19.34
CA ALA A 137 -22.33 10.32 -19.30
C ALA A 137 -22.43 9.75 -20.71
N GLN A 138 -23.17 10.43 -21.59
CA GLN A 138 -23.28 9.99 -23.00
C GLN A 138 -21.94 9.87 -23.70
N ALA A 139 -21.00 10.75 -23.35
CA ALA A 139 -19.67 10.73 -23.96
C ALA A 139 -18.77 9.64 -23.42
N GLY A 140 -19.26 8.85 -22.44
CA GLY A 140 -18.49 7.77 -21.84
C GLY A 140 -17.81 8.10 -20.52
N GLY A 141 -18.16 9.24 -19.95
CA GLY A 141 -17.78 9.54 -18.56
C GLY A 141 -18.83 8.95 -17.63
N ILE A 142 -18.54 8.99 -16.35
CA ILE A 142 -19.44 8.48 -15.28
C ILE A 142 -19.86 9.66 -14.42
N VAL A 143 -21.16 9.92 -14.35
CA VAL A 143 -21.70 10.93 -13.44
C VAL A 143 -22.04 10.18 -12.17
N PHE A 144 -21.20 10.39 -11.14
CA PHE A 144 -21.33 9.65 -9.88
C PHE A 144 -22.04 10.48 -8.84
N GLU A 145 -23.16 9.95 -8.32
CA GLU A 145 -23.96 10.59 -7.30
C GLU A 145 -24.06 9.68 -6.10
N PRO A 146 -23.06 9.73 -5.24
CA PRO A 146 -23.07 8.81 -4.09
C PRO A 146 -24.21 9.01 -3.09
N PHE A 147 -24.78 10.20 -2.99
CA PHE A 147 -25.86 10.43 -2.02
C PHE A 147 -26.69 11.65 -2.41
N PHE A 148 -27.83 11.76 -1.75
CA PHE A 148 -28.75 12.87 -1.95
C PHE A 148 -28.40 13.94 -0.94
N ILE A 149 -28.03 15.12 -1.42
CA ILE A 149 -27.73 16.24 -0.56
C ILE A 149 -28.96 16.66 0.21
N SER A 150 -30.12 16.35 -0.36
CA SER A 150 -31.42 16.63 0.27
C SER A 150 -31.77 15.68 1.43
N ASN A 151 -31.05 14.58 1.58
CA ASN A 151 -31.23 13.68 2.70
C ASN A 151 -30.39 14.12 3.89
N ASP A 152 -31.00 14.78 4.89
CA ASP A 152 -30.22 15.34 5.97
C ASP A 152 -29.34 14.33 6.72
N THR A 153 -29.89 13.13 6.96
CA THR A 153 -29.20 12.05 7.67
C THR A 153 -28.01 11.55 6.86
N ASP A 154 -28.22 11.25 5.56
CA ASP A 154 -27.10 10.79 4.71
C ASP A 154 -26.00 11.87 4.55
N LEU A 155 -26.44 13.12 4.41
CA LEU A 155 -25.52 14.23 4.32
C LEU A 155 -24.68 14.36 5.60
N ALA A 156 -25.31 14.20 6.75
CA ALA A 156 -24.54 14.21 8.03
C ALA A 156 -23.51 13.10 8.05
N LEU A 157 -23.88 11.92 7.59
CA LEU A 157 -22.93 10.79 7.56
C LEU A 157 -21.77 11.09 6.66
N PHE A 158 -22.07 11.66 5.49
CA PHE A 158 -21.03 12.03 4.53
C PHE A 158 -20.09 13.03 5.18
N LYS A 159 -20.64 14.07 5.79
CA LYS A 159 -19.80 15.13 6.36
C LYS A 159 -18.87 14.61 7.44
N THR A 160 -19.31 13.66 8.26
CA THR A 160 -18.50 13.08 9.35
C THR A 160 -17.53 11.98 8.92
N THR A 161 -17.69 11.45 7.69
CA THR A 161 -16.87 10.32 7.21
C THR A 161 -16.33 10.57 5.79
N LYS A 162 -16.28 11.82 5.40
CA LYS A 162 -15.87 12.26 4.07
C LYS A 162 -14.53 11.65 3.63
N TRP A 163 -13.53 11.75 4.49
CA TRP A 163 -12.20 11.31 4.08
C TRP A 163 -12.15 9.81 3.95
N GLY A 164 -12.88 9.11 4.82
CA GLY A 164 -12.96 7.66 4.76
C GLY A 164 -13.73 7.15 3.55
N ILE A 165 -14.83 7.84 3.21
CA ILE A 165 -15.62 7.50 2.03
C ILE A 165 -14.76 7.69 0.76
N CYS A 166 -14.10 8.84 0.65
CA CYS A 166 -13.25 9.16 -0.52
C CYS A 166 -12.05 8.24 -0.58
N ARG A 167 -11.50 7.83 0.57
CA ARG A 167 -10.44 6.80 0.57
C ARG A 167 -10.94 5.45 0.06
N ALA A 168 -12.15 5.04 0.48
CA ALA A 168 -12.79 3.81 -0.04
C ALA A 168 -12.91 3.88 -1.58
N ILE A 169 -13.30 5.05 -2.10
CA ILE A 169 -13.47 5.20 -3.55
C ILE A 169 -12.10 5.05 -4.25
N ALA A 170 -11.11 5.78 -3.76
CA ALA A 170 -9.75 5.74 -4.31
C ALA A 170 -9.21 4.30 -4.25
N ASP A 171 -9.34 3.65 -3.10
CA ASP A 171 -8.83 2.29 -2.95
C ASP A 171 -9.48 1.30 -3.94
N ALA A 172 -10.78 1.47 -4.17
CA ALA A 172 -11.52 0.63 -5.10
C ALA A 172 -11.06 0.84 -6.55
N ILE A 173 -10.78 2.09 -6.92
CA ILE A 173 -10.29 2.41 -8.25
C ILE A 173 -8.93 1.74 -8.43
N ALA A 174 -8.04 1.93 -7.46
CA ALA A 174 -6.71 1.33 -7.54
C ALA A 174 -6.80 -0.18 -7.62
N GLU A 176 -9.21 -2.06 -8.79
CA GLU A 176 -9.77 -2.49 -10.07
C GLU A 176 -8.72 -2.42 -11.18
N LEU A 177 -7.81 -1.46 -11.04
CA LEU A 177 -6.70 -1.26 -11.97
C LEU A 177 -5.52 -2.20 -11.65
N GLY A 178 -5.58 -2.86 -10.51
CA GLY A 178 -4.50 -3.74 -10.04
C GLY A 178 -3.27 -3.00 -9.54
N ALA A 179 -3.46 -1.77 -9.08
CA ALA A 179 -2.36 -0.95 -8.56
C ALA A 179 -2.16 -1.20 -7.09
N ALA A 180 -0.94 -1.58 -6.73
CA ALA A 180 -0.59 -1.77 -5.34
C ALA A 180 -0.16 -0.44 -4.72
N LYS A 181 -0.33 -0.31 -3.41
CA LYS A 181 0.15 0.89 -2.71
C LYS A 181 1.67 1.03 -2.85
N VAL A 182 2.14 2.28 -2.96
CA VAL A 182 3.57 2.61 -3.03
C VAL A 182 3.99 3.32 -1.74
N ALA B 1 13.73 26.97 3.02
CA ALA B 1 12.81 26.28 3.98
C ALA B 1 12.91 24.75 3.91
N SER B 3 15.00 22.51 4.90
CA SER B 3 15.50 21.72 6.01
C SER B 3 14.61 21.89 7.25
N LYS B 4 13.62 22.77 7.16
CA LYS B 4 12.70 23.01 8.29
C LYS B 4 11.71 21.86 8.47
N ILE B 5 11.01 21.85 9.60
CA ILE B 5 9.98 20.86 9.86
C ILE B 5 8.77 21.56 10.43
N ILE B 6 7.62 21.24 9.85
CA ILE B 6 6.32 21.78 10.29
C ILE B 6 5.55 20.69 10.97
N CYS B 7 4.90 21.01 12.08
CA CYS B 7 3.99 20.08 12.71
C CYS B 7 2.60 20.61 12.58
N LEU B 8 1.66 19.77 12.11
CA LEU B 8 0.24 20.11 11.98
C LEU B 8 -0.57 18.98 12.58
N THR B 9 -1.48 19.34 13.46
CA THR B 9 -2.38 18.37 14.07
C THR B 9 -3.80 18.95 14.06
N ALA B 10 -4.78 18.13 14.44
CA ALA B 10 -6.18 18.54 14.52
C ALA B 10 -6.74 18.34 15.91
N GLY B 11 -7.61 19.23 16.36
CA GLY B 11 -8.28 19.04 17.60
C GLY B 11 -9.40 18.03 17.55
N HIS B 12 -9.60 17.31 18.65
CA HIS B 12 -10.79 16.48 18.92
C HIS B 12 -10.81 15.19 18.13
N SER B 13 -11.82 14.38 18.39
CA SER B 13 -11.88 13.03 17.85
C SER B 13 -13.26 12.72 17.31
N ASN B 14 -13.38 11.56 16.68
CA ASN B 14 -14.66 11.20 16.10
C ASN B 14 -15.78 11.11 17.15
N THR B 15 -15.49 10.48 18.27
CA THR B 15 -16.54 10.27 19.28
C THR B 15 -16.60 11.33 20.37
N ASP B 16 -15.60 12.23 20.38
CA ASP B 16 -15.58 13.42 21.26
C ASP B 16 -15.17 14.62 20.34
N PRO B 17 -16.10 15.11 19.53
CA PRO B 17 -15.77 15.94 18.37
C PRO B 17 -15.67 17.45 18.58
N GLY B 18 -15.72 17.91 19.82
CA GLY B 18 -15.66 19.33 20.05
C GLY B 18 -16.98 20.01 19.78
N ALA B 19 -16.88 21.30 19.47
CA ALA B 19 -18.10 22.08 19.21
C ALA B 19 -18.80 21.63 17.93
N VAL B 20 -20.14 21.71 17.91
CA VAL B 20 -20.92 21.34 16.75
C VAL B 20 -21.89 22.44 16.41
N ASN B 21 -22.17 22.54 15.13
CA ASN B 21 -23.22 23.44 14.61
C ASN B 21 -24.01 22.62 13.58
N GLY B 22 -25.20 22.20 13.99
CA GLY B 22 -25.92 21.26 13.14
C GLY B 22 -25.10 20.03 12.86
N SER B 23 -24.91 19.70 11.58
CA SER B 23 -24.13 18.50 11.27
C SER B 23 -22.70 18.85 10.96
N ASP B 24 -22.32 20.09 11.17
CA ASP B 24 -20.90 20.49 11.09
C ASP B 24 -20.27 20.29 12.47
N ARG B 25 -19.13 19.59 12.52
CA ARG B 25 -18.44 19.31 13.77
C ARG B 25 -17.00 19.80 13.74
N GLU B 26 -16.55 20.35 14.87
CA GLU B 26 -15.20 20.87 14.99
C GLU B 26 -14.13 19.84 14.53
N ALA B 27 -14.27 18.59 14.98
CA ALA B 27 -13.30 17.54 14.63
C ALA B 27 -13.14 17.41 13.12
N ASP B 28 -14.25 17.53 12.41
CA ASP B 28 -14.26 17.33 10.96
C ASP B 28 -13.65 18.54 10.27
N LEU B 29 -14.03 19.73 10.69
CA LEU B 29 -13.42 20.96 10.13
C LEU B 29 -11.91 21.04 10.43
N ALA B 30 -11.51 20.65 11.64
CA ALA B 30 -10.10 20.61 12.03
C ALA B 30 -9.31 19.61 11.15
N GLN B 31 -9.93 18.47 10.89
CA GLN B 31 -9.34 17.47 9.99
C GLN B 31 -9.14 18.05 8.59
N ASP B 32 -10.15 18.75 8.07
CA ASP B 32 -10.02 19.38 6.78
C ASP B 32 -8.88 20.38 6.78
N ARG B 34 -6.19 20.68 8.78
CA ARG B 34 -4.89 19.99 8.92
C ARG B 34 -4.49 19.26 7.61
N ASN B 35 -5.44 18.52 7.02
CA ASN B 35 -5.12 17.76 5.81
C ASN B 35 -4.85 18.69 4.61
N ILE B 36 -5.65 19.74 4.44
CA ILE B 36 -5.49 20.60 3.27
C ILE B 36 -4.22 21.42 3.37
N VAL B 37 -3.97 22.02 4.53
CA VAL B 37 -2.73 22.76 4.70
C VAL B 37 -1.50 21.85 4.53
N ALA B 38 -1.57 20.64 5.10
CA ALA B 38 -0.44 19.71 5.05
C ALA B 38 -0.16 19.35 3.58
N SER B 39 -1.22 19.10 2.83
CA SER B 39 -1.08 18.68 1.45
C SER B 39 -0.50 19.80 0.60
N ILE B 40 -0.86 21.05 0.86
CA ILE B 40 -0.29 22.17 0.13
C ILE B 40 1.21 22.34 0.48
N LEU B 41 1.55 22.28 1.76
CA LEU B 41 2.94 22.44 2.15
C LEU B 41 3.79 21.30 1.56
N ARG B 42 3.24 20.09 1.54
CA ARG B 42 3.99 18.95 1.01
C ARG B 42 4.00 19.03 -0.52
N ASN B 43 2.84 19.08 -1.15
CA ASN B 43 2.76 18.90 -2.61
C ASN B 43 3.18 20.12 -3.42
N ASP B 44 2.85 21.31 -2.93
CA ASP B 44 3.17 22.53 -3.64
C ASP B 44 4.50 23.15 -3.21
N TYR B 45 4.85 23.01 -1.93
CA TYR B 45 6.08 23.61 -1.44
C TYR B 45 7.23 22.63 -1.20
N GLY B 46 6.94 21.34 -1.23
CA GLY B 46 7.93 20.33 -1.01
C GLY B 46 8.52 20.28 0.38
N LEU B 47 7.79 20.81 1.36
CA LEU B 47 8.29 20.93 2.72
C LEU B 47 7.95 19.69 3.54
N THR B 48 8.71 19.50 4.61
CA THR B 48 8.57 18.35 5.48
C THR B 48 7.57 18.66 6.59
N VAL B 49 6.49 17.89 6.63
CA VAL B 49 5.43 18.07 7.62
C VAL B 49 5.26 16.77 8.44
N LYS B 50 5.20 16.93 9.75
CA LYS B 50 4.85 15.88 10.70
C LYS B 50 3.42 16.11 11.18
N THR B 51 2.61 15.06 11.23
CA THR B 51 1.18 15.17 11.59
C THR B 51 0.73 14.04 12.49
N ASP B 52 -0.48 14.18 12.99
CA ASP B 52 -1.25 13.13 13.67
C ASP B 52 -2.11 12.32 12.68
N GLY B 53 -1.74 12.34 11.41
CA GLY B 53 -2.43 11.52 10.39
C GLY B 53 -3.41 12.28 9.56
N THR B 54 -4.22 11.53 8.79
CA THR B 54 -5.22 12.13 7.90
C THR B 54 -6.65 11.92 8.44
N GLY B 55 -6.73 11.20 9.56
CA GLY B 55 -7.97 10.97 10.25
C GLY B 55 -8.36 12.07 11.22
N LYS B 56 -9.11 11.70 12.24
CA LYS B 56 -9.44 12.67 13.27
C LYS B 56 -8.19 12.89 14.15
N GLY B 57 -8.30 13.83 15.06
CA GLY B 57 -7.17 14.31 15.85
C GLY B 57 -7.15 13.88 17.31
N ASN B 58 -6.74 14.79 18.19
CA ASN B 58 -6.63 14.53 19.62
C ASN B 58 -5.49 13.54 19.92
N PRO B 60 -2.47 12.18 21.80
CA PRO B 60 -2.09 12.40 23.20
C PRO B 60 -0.97 13.40 23.38
N LEU B 61 -1.08 14.19 24.43
CA LEU B 61 -0.13 15.27 24.70
C LEU B 61 1.31 14.80 24.70
N ARG B 62 1.58 13.63 25.27
CA ARG B 62 2.98 13.16 25.36
C ARG B 62 3.56 13.00 23.97
N ASP B 63 2.73 12.49 23.07
CA ASP B 63 3.09 12.33 21.69
C ASP B 63 3.13 13.66 20.92
N ALA B 64 2.15 14.52 21.16
CA ALA B 64 2.08 15.78 20.45
C ALA B 64 3.28 16.65 20.78
N VAL B 65 3.63 16.71 22.07
CA VAL B 65 4.78 17.55 22.45
C VAL B 65 6.09 17.10 21.85
N LYS B 66 6.29 15.79 21.68
CA LYS B 66 7.45 15.30 20.94
C LYS B 66 7.51 15.94 19.56
N LEU B 67 6.39 15.98 18.85
CA LEU B 67 6.34 16.64 17.54
C LEU B 67 6.58 18.16 17.63
N ILE B 68 5.98 18.80 18.62
CA ILE B 68 6.20 20.24 18.82
C ILE B 68 7.70 20.55 19.02
N ARG B 69 8.33 19.77 19.89
CA ARG B 69 9.71 19.98 20.22
C ARG B 69 10.58 19.71 18.99
N GLY B 70 10.15 18.82 18.10
CA GLY B 70 10.91 18.44 16.94
C GLY B 70 10.59 19.19 15.66
N SER B 71 9.90 20.31 15.81
CA SER B 71 9.48 21.10 14.65
C SER B 71 9.88 22.58 14.84
N ASP B 72 9.88 23.32 13.73
CA ASP B 72 10.17 24.77 13.75
C ASP B 72 8.92 25.57 14.02
N VAL B 73 7.79 25.01 13.63
CA VAL B 73 6.49 25.59 13.96
C VAL B 73 5.48 24.41 14.07
N ALA B 74 4.52 24.53 15.01
CA ALA B 74 3.55 23.48 15.29
C ALA B 74 2.22 24.12 15.51
N ILE B 75 1.23 23.66 14.76
CA ILE B 75 -0.12 24.24 14.77
C ILE B 75 -1.16 23.12 14.91
N GLU B 76 -2.06 23.27 15.88
CA GLU B 76 -3.24 22.41 15.98
C GLU B 76 -4.45 23.20 15.63
N PHE B 77 -5.22 22.69 14.68
CA PHE B 77 -6.41 23.43 14.20
C PHE B 77 -7.61 23.08 15.06
N HIS B 78 -8.31 24.15 15.48
CA HIS B 78 -9.51 24.12 16.34
C HIS B 78 -10.51 25.11 15.76
N THR B 79 -11.75 25.06 16.26
CA THR B 79 -12.73 26.14 15.96
C THR B 79 -13.15 26.72 17.29
N ASN B 80 -13.37 28.03 17.33
CA ASN B 80 -13.88 28.71 18.53
C ASN B 80 -15.39 28.47 18.64
N ALA B 81 -15.97 28.78 19.80
CA ALA B 81 -17.41 28.63 19.98
C ALA B 81 -17.84 29.51 21.11
N ALA B 82 -19.09 29.97 21.02
CA ALA B 82 -19.69 30.83 22.06
C ALA B 82 -21.21 30.55 22.09
N ALA B 83 -21.81 30.84 23.25
CA ALA B 83 -23.25 30.91 23.42
C ALA B 83 -23.82 32.03 22.56
N ASN B 84 -23.09 33.13 22.45
CA ASN B 84 -23.46 34.21 21.56
C ASN B 84 -23.14 33.79 20.12
N LYS B 85 -24.17 33.51 19.35
CA LYS B 85 -23.98 32.96 18.00
C LYS B 85 -23.55 34.01 16.98
N THR B 86 -23.34 35.27 17.41
CA THR B 86 -22.69 36.24 16.52
C THR B 86 -21.26 36.64 16.93
N ALA B 87 -20.77 36.03 17.99
CA ALA B 87 -19.35 36.09 18.29
C ALA B 87 -18.54 35.68 17.06
N THR B 88 -17.49 36.43 16.80
CA THR B 88 -16.72 36.30 15.56
C THR B 88 -15.24 36.66 15.73
N GLY B 89 -14.40 36.04 14.90
CA GLY B 89 -13.03 36.49 14.81
C GLY B 89 -12.02 35.35 14.91
N ILE B 90 -10.77 35.77 14.70
CA ILE B 90 -9.58 34.88 14.61
C ILE B 90 -8.72 34.97 15.84
N GLU B 91 -8.30 33.83 16.41
CA GLU B 91 -7.29 33.87 17.43
C GLU B 91 -6.38 32.66 17.32
N ALA B 92 -5.17 32.85 17.82
CA ALA B 92 -4.15 31.81 17.89
C ALA B 92 -3.52 31.92 19.29
N LEU B 93 -3.53 30.82 20.04
CA LEU B 93 -3.07 30.75 21.40
C LEU B 93 -1.70 30.09 21.44
N SER B 94 -0.72 30.75 22.04
CA SER B 94 0.59 30.14 22.21
C SER B 94 1.35 30.89 23.29
N THR B 95 2.57 30.46 23.54
CA THR B 95 3.42 31.18 24.49
C THR B 95 3.75 32.59 23.96
N PRO B 96 3.99 33.56 24.88
CA PRO B 96 4.44 34.88 24.44
C PRO B 96 5.62 34.80 23.50
N LYS B 97 6.54 33.90 23.83
CA LYS B 97 7.73 33.77 23.04
C LYS B 97 7.37 33.51 21.59
N ASN B 98 6.21 32.89 21.34
CA ASN B 98 5.75 32.49 20.02
C ASN B 98 4.70 33.44 19.35
N LYS B 99 4.60 34.67 19.85
CA LYS B 99 3.65 35.67 19.36
C LYS B 99 3.71 35.97 17.85
N ARG B 100 4.92 36.12 17.32
CA ARG B 100 5.09 36.48 15.93
C ARG B 100 4.41 35.46 14.99
N TRP B 101 4.69 34.18 15.21
CA TRP B 101 4.02 33.13 14.42
C TRP B 101 2.48 33.21 14.49
N CYS B 102 1.94 33.43 15.67
CA CYS B 102 0.47 33.55 15.80
C CYS B 102 -0.10 34.71 14.98
N GLN B 103 0.62 35.82 14.99
CA GLN B 103 0.23 36.99 14.23
C GLN B 103 0.40 36.77 12.72
N VAL B 104 1.45 36.09 12.29
CA VAL B 104 1.60 35.75 10.90
C VAL B 104 0.38 34.96 10.35
N LEU B 105 0.00 33.93 11.10
CA LEU B 105 -1.12 33.07 10.75
C LEU B 105 -2.42 33.86 10.75
N GLY B 106 -2.67 34.61 11.81
CA GLY B 106 -3.94 35.31 11.93
C GLY B 106 -4.09 36.37 10.86
N LYS B 107 -3.04 37.15 10.64
CA LYS B 107 -3.13 38.19 9.63
C LYS B 107 -3.34 37.60 8.23
N ALA B 108 -2.68 36.47 7.93
CA ALA B 108 -2.93 35.79 6.68
C ALA B 108 -4.43 35.41 6.46
N VAL B 109 -5.07 34.90 7.51
CA VAL B 109 -6.46 34.52 7.43
C VAL B 109 -7.35 35.77 7.33
N ALA B 110 -7.03 36.81 8.09
CA ALA B 110 -7.80 38.07 8.04
C ALA B 110 -7.79 38.66 6.63
N LYS B 111 -6.60 38.72 6.03
CA LYS B 111 -6.44 39.25 4.67
C LYS B 111 -7.33 38.49 3.70
N LYS B 112 -7.34 37.16 3.82
CA LYS B 112 -8.11 36.32 2.91
C LYS B 112 -9.61 36.49 3.03
N THR B 113 -10.10 36.58 4.27
CA THR B 113 -11.51 36.36 4.57
C THR B 113 -12.28 37.64 4.94
N GLY B 114 -11.56 38.64 5.41
CA GLY B 114 -12.18 39.82 6.00
C GLY B 114 -12.58 39.63 7.45
N TRP B 115 -12.24 38.47 8.05
CA TRP B 115 -12.56 38.28 9.47
C TRP B 115 -11.74 39.20 10.36
N LYS B 116 -12.29 39.51 11.52
CA LYS B 116 -11.65 40.34 12.53
C LYS B 116 -10.58 39.59 13.31
N LEU B 117 -9.50 40.28 13.61
CA LEU B 117 -8.48 39.72 14.50
C LEU B 117 -8.84 39.94 15.94
N ARG B 118 -8.86 38.89 16.74
CA ARG B 118 -9.05 39.02 18.18
C ARG B 118 -7.68 39.07 18.86
N GLY B 119 -7.67 39.38 20.16
CA GLY B 119 -6.39 39.49 20.86
C GLY B 119 -5.47 40.57 20.27
N GLU B 120 -4.16 40.30 20.25
CA GLU B 120 -3.17 41.22 19.67
C GLU B 120 -2.86 40.76 18.24
N ASP B 121 -3.60 41.27 17.25
CA ASP B 121 -3.41 40.82 15.86
C ASP B 121 -3.51 39.30 15.77
N GLY B 122 -4.47 38.76 16.51
CA GLY B 122 -4.73 37.28 16.56
C GLY B 122 -4.14 36.51 17.70
N PHE B 123 -3.10 37.05 18.36
CA PHE B 123 -2.43 36.37 19.42
C PHE B 123 -3.13 36.49 20.75
N LYS B 124 -3.21 35.35 21.45
CA LYS B 124 -3.56 35.34 22.86
C LYS B 124 -2.61 34.41 23.61
N PRO B 125 -2.16 34.82 24.79
CA PRO B 125 -1.18 34.05 25.54
C PRO B 125 -1.74 32.82 26.24
N ASP B 126 -0.88 31.81 26.39
CA ASP B 126 -1.19 30.56 27.05
C ASP B 126 -1.39 30.73 28.55
N ASN B 127 -0.86 31.82 29.11
CA ASN B 127 -0.84 32.07 30.56
C ASN B 127 -2.15 32.63 31.09
N ALA B 128 -3.05 33.04 30.20
CA ALA B 128 -4.40 33.48 30.58
C ALA B 128 -5.47 32.59 29.94
N GLY B 129 -5.04 31.44 29.45
CA GLY B 129 -5.87 30.60 28.60
C GLY B 129 -6.92 29.75 29.31
N GLN B 130 -7.95 29.39 28.54
CA GLN B 130 -8.99 28.44 28.97
C GLN B 130 -9.30 27.60 27.73
N HIS B 131 -8.80 26.38 27.69
CA HIS B 131 -8.89 25.61 26.44
C HIS B 131 -8.58 24.15 26.71
N SER B 132 -9.29 23.26 26.01
CA SER B 132 -9.11 21.84 26.21
C SER B 132 -7.70 21.38 25.86
N ARG B 133 -7.08 22.08 24.93
CA ARG B 133 -5.70 21.77 24.54
C ARG B 133 -4.79 22.92 24.90
N LEU B 134 -5.11 23.58 26.02
CA LEU B 134 -4.23 24.62 26.52
C LEU B 134 -2.80 24.13 26.61
N ALA B 135 -2.61 22.86 26.97
CA ALA B 135 -1.27 22.28 27.17
C ALA B 135 -0.45 22.25 25.86
N TYR B 136 -1.14 22.13 24.73
CA TYR B 136 -0.49 22.23 23.42
C TYR B 136 0.14 23.64 23.23
N ALA B 137 -0.62 24.68 23.54
CA ALA B 137 -0.10 26.05 23.51
C ALA B 137 0.99 26.27 24.57
N GLN B 138 0.82 25.70 25.77
CA GLN B 138 1.81 25.83 26.83
C GLN B 138 3.16 25.29 26.48
N ALA B 139 3.18 24.26 25.64
CA ALA B 139 4.39 23.62 25.13
C ALA B 139 4.98 24.39 23.95
N GLY B 140 4.36 25.49 23.56
CA GLY B 140 4.92 26.29 22.49
C GLY B 140 4.40 25.89 21.12
N GLY B 141 3.39 25.05 21.09
CA GLY B 141 2.62 24.84 19.88
C GLY B 141 1.64 25.98 19.79
N ILE B 142 0.92 26.03 18.66
CA ILE B 142 -0.06 27.11 18.42
C ILE B 142 -1.44 26.45 18.30
N VAL B 143 -2.37 26.82 19.19
CA VAL B 143 -3.74 26.35 19.05
C VAL B 143 -4.44 27.42 18.19
N PHE B 144 -4.73 27.08 16.97
CA PHE B 144 -5.22 28.10 15.99
C PHE B 144 -6.72 27.94 15.79
N GLU B 145 -7.47 29.03 16.00
CA GLU B 145 -8.93 29.01 15.93
C GLU B 145 -9.30 30.12 14.99
N PRO B 146 -9.24 29.82 13.69
CA PRO B 146 -9.51 30.90 12.71
C PRO B 146 -10.94 31.44 12.71
N PHE B 147 -11.89 30.67 13.22
CA PHE B 147 -13.29 31.11 13.21
C PHE B 147 -14.10 30.37 14.25
N PHE B 148 -15.27 30.95 14.54
CA PHE B 148 -16.25 30.40 15.47
C PHE B 148 -17.22 29.48 14.70
N ILE B 149 -17.22 28.20 15.04
CA ILE B 149 -18.14 27.24 14.41
C ILE B 149 -19.58 27.61 14.73
N SER B 150 -19.74 28.32 15.85
CA SER B 150 -21.08 28.71 16.32
C SER B 150 -21.61 29.89 15.54
N ASN B 151 -20.79 30.51 14.68
CA ASN B 151 -21.20 31.64 13.86
C ASN B 151 -21.62 31.17 12.51
N ASP B 152 -22.93 31.12 12.24
CA ASP B 152 -23.39 30.53 10.96
C ASP B 152 -22.74 31.15 9.72
N THR B 153 -22.60 32.49 9.73
CA THR B 153 -22.11 33.23 8.60
C THR B 153 -20.64 32.90 8.37
N ASP B 154 -19.86 32.87 9.44
CA ASP B 154 -18.38 32.62 9.28
C ASP B 154 -18.15 31.13 8.91
N LEU B 155 -18.94 30.25 9.50
CA LEU B 155 -18.86 28.81 9.14
C LEU B 155 -19.20 28.62 7.69
N ALA B 156 -20.25 29.30 7.21
CA ALA B 156 -20.57 29.19 5.78
C ALA B 156 -19.43 29.68 4.89
N LEU B 157 -18.78 30.77 5.26
CA LEU B 157 -17.66 31.28 4.49
C LEU B 157 -16.53 30.27 4.47
N PHE B 158 -16.27 29.67 5.62
CA PHE B 158 -15.22 28.65 5.63
C PHE B 158 -15.58 27.56 4.66
N LYS B 159 -16.82 27.08 4.75
CA LYS B 159 -17.25 25.94 3.92
C LYS B 159 -17.11 26.24 2.43
N THR B 160 -17.41 27.47 2.01
CA THR B 160 -17.37 27.81 0.59
C THR B 160 -16.01 28.24 0.08
N THR B 161 -15.10 28.63 0.99
CA THR B 161 -13.80 29.11 0.58
C THR B 161 -12.63 28.41 1.24
N LYS B 162 -12.88 27.25 1.82
CA LYS B 162 -11.85 26.60 2.64
C LYS B 162 -10.56 26.31 1.90
N TRP B 163 -10.65 25.91 0.64
CA TRP B 163 -9.42 25.57 -0.06
C TRP B 163 -8.56 26.81 -0.23
N GLY B 164 -9.18 27.99 -0.43
CA GLY B 164 -8.46 29.26 -0.49
C GLY B 164 -7.92 29.73 0.87
N ILE B 165 -8.71 29.53 1.93
CA ILE B 165 -8.28 29.87 3.26
C ILE B 165 -7.07 29.00 3.66
N CYS B 166 -7.14 27.71 3.36
CA CYS B 166 -6.06 26.82 3.74
C CYS B 166 -4.81 27.11 2.92
N ARG B 167 -5.00 27.48 1.63
CA ARG B 167 -3.82 27.87 0.82
C ARG B 167 -3.23 29.16 1.38
N ALA B 168 -4.06 30.11 1.83
CA ALA B 168 -3.52 31.32 2.48
C ALA B 168 -2.68 31.00 3.71
N ILE B 169 -3.15 30.03 4.50
CA ILE B 169 -2.39 29.58 5.66
C ILE B 169 -1.05 28.93 5.25
N ALA B 170 -1.13 27.97 4.33
CA ALA B 170 0.08 27.28 3.85
C ALA B 170 1.13 28.25 3.26
N ASP B 171 0.67 29.21 2.46
CA ASP B 171 1.55 30.24 1.91
C ASP B 171 2.24 31.02 3.02
N ALA B 172 1.47 31.46 4.01
CA ALA B 172 2.01 32.26 5.13
C ALA B 172 3.11 31.46 5.87
N ILE B 173 2.84 30.17 6.12
CA ILE B 173 3.81 29.29 6.82
C ILE B 173 5.06 29.14 5.97
N ALA B 174 4.90 28.78 4.71
CA ALA B 174 6.04 28.61 3.80
C ALA B 174 6.92 29.84 3.70
N GLU B 176 7.09 32.55 5.77
CA GLU B 176 7.76 32.83 7.06
C GLU B 176 8.98 31.92 7.30
N LEU B 177 8.95 30.73 6.75
CA LEU B 177 10.06 29.77 6.88
C LEU B 177 11.19 29.99 5.87
N GLY B 178 11.01 30.91 4.95
CA GLY B 178 12.02 31.21 3.93
C GLY B 178 11.74 30.78 2.51
N ALA B 179 10.61 30.10 2.28
CA ALA B 179 10.27 29.66 0.94
C ALA B 179 9.64 30.75 0.07
N ALA B 180 9.89 30.66 -1.23
CA ALA B 180 9.25 31.53 -2.19
C ALA B 180 7.79 31.11 -2.38
N LYS B 181 6.90 32.09 -2.42
CA LYS B 181 5.48 31.81 -2.65
C LYS B 181 5.28 31.01 -3.94
N VAL B 182 4.33 30.09 -3.93
CA VAL B 182 4.02 29.28 -5.11
C VAL B 182 2.60 29.59 -5.61
N ALA C 1 37.26 -10.24 -1.31
CA ALA C 1 36.11 -10.88 -0.59
C ALA C 1 36.18 -12.41 -0.62
N SER C 3 38.20 -14.61 0.54
CA SER C 3 38.60 -15.35 1.74
C SER C 3 37.69 -14.99 2.93
N LYS C 4 36.73 -14.08 2.73
CA LYS C 4 35.77 -13.74 3.78
C LYS C 4 34.74 -14.86 3.98
N ILE C 5 34.04 -14.80 5.10
CA ILE C 5 32.99 -15.78 5.40
C ILE C 5 31.76 -15.07 5.90
N ILE C 6 30.62 -15.47 5.35
CA ILE C 6 29.33 -14.89 5.75
C ILE C 6 28.50 -15.98 6.43
N CYS C 7 27.85 -15.64 7.52
CA CYS C 7 26.92 -16.54 8.24
C CYS C 7 25.51 -16.02 8.03
N LEU C 8 24.61 -16.88 7.58
CA LEU C 8 23.18 -16.49 7.37
C LEU C 8 22.32 -17.55 8.00
N THR C 9 21.40 -17.13 8.84
CA THR C 9 20.48 -18.05 9.50
C THR C 9 19.08 -17.48 9.46
N ALA C 10 18.09 -18.29 9.84
CA ALA C 10 16.68 -17.89 9.88
C ALA C 10 16.08 -17.99 11.26
N GLY C 11 15.23 -17.02 11.58
CA GLY C 11 14.44 -17.05 12.79
C GLY C 11 13.30 -18.05 12.79
N HIS C 12 13.03 -18.67 13.94
CA HIS C 12 11.78 -19.45 14.20
C HIS C 12 11.77 -20.80 13.54
N SER C 13 10.75 -21.59 13.88
CA SER C 13 10.69 -22.98 13.45
C SER C 13 9.31 -23.26 12.88
N ASN C 14 9.14 -24.45 12.30
CA ASN C 14 7.86 -24.77 11.72
C ASN C 14 6.68 -24.79 12.74
N THR C 15 6.91 -25.30 13.94
CA THR C 15 5.85 -25.39 14.96
C THR C 15 5.81 -24.20 15.95
N ASP C 16 6.82 -23.33 15.90
CA ASP C 16 6.85 -22.08 16.67
C ASP C 16 7.32 -21.01 15.68
N PRO C 17 6.44 -20.62 14.77
CA PRO C 17 6.88 -19.92 13.58
C PRO C 17 7.02 -18.42 13.65
N GLY C 18 6.89 -17.84 14.85
CA GLY C 18 6.98 -16.39 14.97
C GLY C 18 5.68 -15.71 14.60
N ALA C 19 5.79 -14.46 14.18
CA ALA C 19 4.57 -13.68 13.83
C ALA C 19 3.93 -14.24 12.56
N VAL C 20 2.59 -14.16 12.49
CA VAL C 20 1.85 -14.62 11.31
C VAL C 20 0.86 -13.54 10.84
N ASN C 21 0.53 -13.58 9.56
CA ASN C 21 -0.41 -12.68 8.95
C ASN C 21 -1.13 -13.54 7.92
N GLY C 22 -2.36 -13.91 8.21
CA GLY C 22 -3.02 -14.98 7.43
C GLY C 22 -2.19 -16.26 7.38
N SER C 23 -1.92 -16.72 6.16
CA SER C 23 -1.14 -17.93 5.99
C SER C 23 0.32 -17.60 5.71
N ASP C 24 0.69 -16.29 5.75
CA ASP C 24 2.13 -15.89 5.73
C ASP C 24 2.71 -16.03 7.15
N ARG C 25 3.83 -16.74 7.30
CA ARG C 25 4.48 -16.92 8.59
C ARG C 25 5.89 -16.43 8.57
N GLU C 26 6.28 -15.81 9.67
CA GLU C 26 7.65 -15.33 9.82
C GLU C 26 8.71 -16.42 9.52
N ALA C 27 8.55 -17.61 10.08
CA ALA C 27 9.52 -18.69 9.84
C ALA C 27 9.70 -18.97 8.33
N ASP C 28 8.60 -18.93 7.59
CA ASP C 28 8.66 -19.20 6.17
C ASP C 28 9.34 -18.06 5.41
N LEU C 29 9.00 -16.81 5.74
CA LEU C 29 9.63 -15.69 5.09
C LEU C 29 11.14 -15.61 5.40
N ALA C 30 11.50 -15.91 6.63
CA ALA C 30 12.91 -15.91 7.08
C ALA C 30 13.69 -16.99 6.32
N GLN C 31 13.06 -18.17 6.15
CA GLN C 31 13.66 -19.25 5.32
C GLN C 31 13.92 -18.76 3.88
N ASP C 32 12.95 -18.06 3.29
CA ASP C 32 13.10 -17.56 1.94
C ASP C 32 14.30 -16.56 1.89
N ARG C 34 16.90 -16.09 3.97
CA ARG C 34 18.17 -16.81 4.16
C ARG C 34 18.60 -17.60 2.89
N ASN C 35 17.67 -18.38 2.35
CA ASN C 35 18.02 -19.22 1.22
C ASN C 35 18.38 -18.42 -0.02
N ILE C 36 17.61 -17.36 -0.27
CA ILE C 36 17.78 -16.58 -1.50
C ILE C 36 19.08 -15.77 -1.39
N VAL C 37 19.28 -15.08 -0.26
CA VAL C 37 20.51 -14.33 -0.10
C VAL C 37 21.73 -15.24 -0.16
N ALA C 38 21.65 -16.40 0.48
CA ALA C 38 22.77 -17.38 0.48
C ALA C 38 23.08 -17.82 -0.95
N SER C 39 22.02 -18.09 -1.71
CA SER C 39 22.19 -18.60 -3.06
C SER C 39 22.84 -17.56 -3.94
N ILE C 40 22.48 -16.29 -3.80
CA ILE C 40 23.09 -15.23 -4.57
C ILE C 40 24.56 -15.05 -4.18
N LEU C 41 24.86 -15.03 -2.88
CA LEU C 41 26.25 -14.84 -2.48
C LEU C 41 27.10 -16.00 -2.97
N ARG C 42 26.55 -17.21 -2.93
CA ARG C 42 27.30 -18.41 -3.32
C ARG C 42 27.49 -18.52 -4.81
N ASN C 43 26.39 -18.40 -5.54
CA ASN C 43 26.39 -18.67 -6.97
C ASN C 43 26.76 -17.48 -7.84
N ASP C 44 26.34 -16.26 -7.49
CA ASP C 44 26.67 -15.08 -8.28
C ASP C 44 27.95 -14.39 -7.84
N TYR C 45 28.25 -14.46 -6.53
CA TYR C 45 29.46 -13.86 -6.02
C TYR C 45 30.59 -14.84 -5.69
N GLY C 46 30.30 -16.12 -5.65
CA GLY C 46 31.31 -17.14 -5.35
C GLY C 46 31.88 -17.06 -3.96
N LEU C 47 31.10 -16.49 -3.04
CA LEU C 47 31.53 -16.31 -1.66
C LEU C 47 31.18 -17.51 -0.78
N THR C 48 31.93 -17.65 0.32
CA THR C 48 31.71 -18.72 1.27
C THR C 48 30.66 -18.29 2.31
N VAL C 49 29.59 -19.09 2.40
CA VAL C 49 28.49 -18.85 3.32
C VAL C 49 28.29 -20.06 4.22
N LYS C 50 28.15 -19.81 5.50
CA LYS C 50 27.81 -20.81 6.53
C LYS C 50 26.34 -20.53 6.87
N THR C 51 25.52 -21.59 6.95
CA THR C 51 24.10 -21.43 7.27
C THR C 51 23.63 -22.49 8.26
N ASP C 52 22.41 -22.28 8.74
CA ASP C 52 21.60 -23.31 9.46
C ASP C 52 20.78 -24.20 8.51
N GLY C 53 21.21 -24.34 7.26
CA GLY C 53 20.50 -25.13 6.28
C GLY C 53 19.51 -24.40 5.40
N THR C 54 18.67 -25.19 4.71
CA THR C 54 17.72 -24.68 3.71
C THR C 54 16.28 -24.85 4.21
N GLY C 55 16.12 -25.45 5.37
CA GLY C 55 14.85 -25.65 6.00
C GLY C 55 14.48 -24.51 6.92
N LYS C 56 13.75 -24.81 7.99
CA LYS C 56 13.32 -23.78 8.91
C LYS C 56 14.52 -23.47 9.84
N GLY C 57 14.34 -22.48 10.68
CA GLY C 57 15.42 -21.91 11.46
C GLY C 57 15.45 -22.28 12.91
N ASN C 58 15.81 -21.30 13.73
CA ASN C 58 15.95 -21.46 15.16
C ASN C 58 17.05 -22.46 15.56
N PRO C 60 19.96 -23.75 17.65
CA PRO C 60 20.31 -23.44 19.04
C PRO C 60 21.44 -22.42 19.19
N LEU C 61 21.27 -21.53 20.16
CA LEU C 61 22.18 -20.42 20.42
C LEU C 61 23.63 -20.84 20.52
N ARG C 62 23.89 -21.90 21.28
CA ARG C 62 25.25 -22.34 21.46
C ARG C 62 25.90 -22.65 20.13
N ASP C 63 25.15 -23.32 19.24
CA ASP C 63 25.59 -23.60 17.89
C ASP C 63 25.69 -22.34 17.02
N ALA C 64 24.70 -21.48 17.11
CA ALA C 64 24.70 -20.28 16.28
C ALA C 64 25.95 -19.45 16.56
N VAL C 65 26.30 -19.30 17.85
CA VAL C 65 27.41 -18.41 18.22
C VAL C 65 28.74 -18.90 17.61
N LYS C 66 28.89 -20.21 17.44
CA LYS C 66 30.06 -20.72 16.71
C LYS C 66 30.14 -20.20 15.28
N LEU C 67 29.02 -20.24 14.56
CA LEU C 67 29.00 -19.71 13.20
C LEU C 67 29.24 -18.22 13.21
N ILE C 68 28.64 -17.53 14.18
CA ILE C 68 28.79 -16.09 14.28
C ILE C 68 30.26 -15.70 14.47
N ARG C 69 30.88 -16.28 15.47
CA ARG C 69 32.29 -15.97 15.78
C ARG C 69 33.25 -16.48 14.69
N GLY C 70 32.84 -17.45 13.88
CA GLY C 70 33.63 -17.94 12.75
C GLY C 70 33.39 -17.26 11.40
N SER C 71 32.67 -16.14 11.39
N SER C 71 32.73 -16.11 11.41
CA SER C 71 32.34 -15.40 10.18
CA SER C 71 32.34 -15.39 10.20
C SER C 71 32.82 -13.94 10.29
C SER C 71 32.63 -13.90 10.31
N ASP C 72 32.78 -13.25 9.16
CA ASP C 72 33.02 -11.78 9.13
C ASP C 72 31.78 -10.96 9.39
N VAL C 73 30.65 -11.49 8.99
CA VAL C 73 29.36 -10.91 9.27
C VAL C 73 28.36 -12.10 9.42
N ALA C 74 27.43 -11.97 10.36
CA ALA C 74 26.44 -13.02 10.65
C ALA C 74 25.09 -12.37 10.79
N ILE C 75 24.12 -12.83 10.00
CA ILE C 75 22.77 -12.22 9.94
C ILE C 75 21.70 -13.29 10.10
N GLU C 76 20.76 -13.07 11.01
CA GLU C 76 19.56 -13.94 11.15
C GLU C 76 18.36 -13.12 10.74
N PHE C 77 17.63 -13.65 9.76
CA PHE C 77 16.46 -12.96 9.21
C PHE C 77 15.25 -13.22 10.07
N HIS C 78 14.58 -12.12 10.44
CA HIS C 78 13.33 -12.07 11.17
C HIS C 78 12.38 -11.11 10.46
N THR C 79 11.12 -11.14 10.93
CA THR C 79 10.16 -10.07 10.58
C THR C 79 9.68 -9.41 11.85
N ASN C 80 9.52 -8.10 11.79
CA ASN C 80 8.97 -7.39 12.90
C ASN C 80 7.46 -7.59 12.96
N ALA C 81 6.85 -7.21 14.07
CA ALA C 81 5.39 -7.26 14.18
C ALA C 81 4.95 -6.31 15.27
N ALA C 82 3.69 -5.89 15.18
CA ALA C 82 3.06 -4.99 16.15
C ALA C 82 1.55 -5.29 16.20
N ALA C 83 0.93 -4.97 17.35
CA ALA C 83 -0.52 -5.04 17.51
C ALA C 83 -1.14 -3.90 16.72
N ASN C 84 -0.39 -2.81 16.59
CA ASN C 84 -0.75 -1.73 15.70
C ASN C 84 -0.39 -2.19 14.31
N LYS C 85 -1.40 -2.54 13.52
CA LYS C 85 -1.14 -3.16 12.23
C LYS C 85 -0.64 -2.18 11.18
N THR C 86 -0.51 -0.89 11.54
CA THR C 86 0.10 0.15 10.68
C THR C 86 1.60 0.41 10.92
N ALA C 87 2.17 -0.19 11.96
CA ALA C 87 3.59 -0.04 12.23
C ALA C 87 4.39 -0.48 11.01
N THR C 88 5.52 0.19 10.76
CA THR C 88 6.32 0.02 9.53
C THR C 88 7.80 0.38 9.72
N GLY C 89 8.67 -0.29 8.97
CA GLY C 89 10.05 0.12 8.82
C GLY C 89 11.06 -0.97 9.04
N ILE C 90 12.31 -0.57 8.80
CA ILE C 90 13.49 -1.45 8.80
C ILE C 90 14.29 -1.30 10.08
N GLU C 91 14.61 -2.41 10.74
CA GLU C 91 15.63 -2.34 11.79
C GLU C 91 16.50 -3.59 11.90
N ALA C 92 17.65 -3.44 12.55
CA ALA C 92 18.61 -4.52 12.71
C ALA C 92 19.22 -4.33 14.07
N LEU C 93 19.25 -5.42 14.83
CA LEU C 93 19.68 -5.40 16.23
C LEU C 93 21.05 -6.05 16.29
N SER C 94 22.03 -5.37 16.90
CA SER C 94 23.32 -6.02 17.15
C SER C 94 24.08 -5.26 18.24
N THR C 95 25.26 -5.74 18.54
CA THR C 95 26.23 -4.98 19.36
C THR C 95 26.66 -3.71 18.58
N PRO C 96 27.03 -2.65 19.33
CA PRO C 96 27.60 -1.41 18.76
C PRO C 96 28.72 -1.62 17.71
N LYS C 97 29.59 -2.59 17.95
CA LYS C 97 30.61 -3.00 17.01
C LYS C 97 30.08 -3.13 15.58
N ASN C 98 28.85 -3.67 15.44
CA ASN C 98 28.27 -3.97 14.14
C ASN C 98 27.27 -2.93 13.70
N LYS C 99 27.29 -1.75 14.33
CA LYS C 99 26.42 -0.67 13.89
C LYS C 99 26.52 -0.38 12.40
N ARG C 100 27.74 -0.23 11.88
CA ARG C 100 27.92 0.14 10.49
C ARG C 100 27.34 -0.95 9.61
N TRP C 101 27.62 -2.19 9.93
CA TRP C 101 27.00 -3.28 9.13
C TRP C 101 25.47 -3.22 9.11
N CYS C 102 24.89 -2.93 10.26
CA CYS C 102 23.43 -2.85 10.36
C CYS C 102 22.93 -1.75 9.47
N GLN C 103 23.66 -0.64 9.43
CA GLN C 103 23.27 0.53 8.62
C GLN C 103 23.42 0.26 7.13
N VAL C 104 24.47 -0.43 6.74
CA VAL C 104 24.69 -0.81 5.34
C VAL C 104 23.50 -1.69 4.87
N LEU C 105 23.14 -2.66 5.69
CA LEU C 105 22.02 -3.55 5.38
C LEU C 105 20.69 -2.80 5.28
N GLY C 106 20.39 -1.96 6.28
CA GLY C 106 19.16 -1.21 6.23
C GLY C 106 19.04 -0.26 5.04
N LYS C 107 20.09 0.50 4.78
CA LYS C 107 20.04 1.45 3.71
C LYS C 107 19.83 0.75 2.39
N ALA C 108 20.47 -0.39 2.19
CA ALA C 108 20.28 -1.16 0.94
C ALA C 108 18.80 -1.55 0.76
N VAL C 109 18.13 -1.97 1.82
CA VAL C 109 16.73 -2.36 1.77
C VAL C 109 15.87 -1.11 1.58
N ALA C 110 16.21 -0.03 2.25
CA ALA C 110 15.42 1.21 2.11
C ALA C 110 15.45 1.75 0.68
N LYS C 111 16.62 1.73 0.07
CA LYS C 111 16.81 2.21 -1.31
C LYS C 111 15.99 1.39 -2.28
N LYS C 112 15.95 0.08 -2.05
CA LYS C 112 15.20 -0.81 -2.94
C LYS C 112 13.69 -0.65 -2.83
N THR C 113 13.18 -0.42 -1.62
CA THR C 113 11.73 -0.55 -1.27
C THR C 113 11.04 0.77 -0.97
N GLY C 114 11.84 1.76 -0.60
CA GLY C 114 11.32 2.98 0.00
C GLY C 114 10.80 2.88 1.42
N TRP C 115 11.02 1.74 2.07
CA TRP C 115 10.67 1.64 3.47
C TRP C 115 11.54 2.57 4.35
N LYS C 116 10.96 2.98 5.48
CA LYS C 116 11.59 3.90 6.42
C LYS C 116 12.59 3.16 7.30
N LEU C 117 13.71 3.82 7.61
CA LEU C 117 14.74 3.30 8.50
C LEU C 117 14.39 3.71 9.91
N ARG C 118 14.26 2.71 10.77
CA ARG C 118 13.99 2.88 12.19
C ARG C 118 15.32 2.98 12.97
N GLY C 119 15.25 3.42 14.23
CA GLY C 119 16.49 3.53 15.01
C GLY C 119 17.48 4.50 14.40
N GLU C 120 18.77 4.18 14.49
CA GLU C 120 19.78 5.04 13.90
C GLU C 120 20.11 4.51 12.54
N ASP C 121 19.43 5.02 11.51
CA ASP C 121 19.68 4.57 10.12
C ASP C 121 19.58 3.03 10.03
N GLY C 122 18.63 2.46 10.77
CA GLY C 122 18.37 1.02 10.74
C GLY C 122 18.99 0.22 11.86
N PHE C 123 19.84 0.85 12.69
CA PHE C 123 20.48 0.17 13.81
C PHE C 123 19.77 0.39 15.14
N LYS C 124 19.64 -0.68 15.88
CA LYS C 124 19.25 -0.64 17.29
C LYS C 124 20.19 -1.54 18.10
N PRO C 125 20.64 -1.08 19.27
CA PRO C 125 21.65 -1.81 20.03
C PRO C 125 21.07 -2.92 20.89
N ASP C 126 21.89 -3.93 21.16
CA ASP C 126 21.52 -5.10 21.95
C ASP C 126 21.31 -4.80 23.42
N ASN C 127 21.75 -3.63 23.87
CA ASN C 127 21.65 -3.28 25.29
C ASN C 127 20.25 -2.76 25.64
N ALA C 128 19.50 -2.35 24.63
CA ALA C 128 18.13 -1.86 24.81
C ALA C 128 17.13 -2.93 24.36
N GLY C 129 17.55 -4.19 24.37
CA GLY C 129 16.83 -5.23 23.63
C GLY C 129 15.73 -6.01 24.36
N GLN C 130 14.63 -6.25 23.62
CA GLN C 130 13.61 -7.22 23.99
C GLN C 130 13.19 -7.99 22.71
N HIS C 131 13.74 -9.19 22.55
CA HIS C 131 13.57 -9.97 21.32
C HIS C 131 13.91 -11.44 21.60
N SER C 132 13.19 -12.36 20.94
CA SER C 132 13.37 -13.81 21.18
C SER C 132 14.78 -14.28 20.90
N ARG C 133 15.45 -13.62 19.95
CA ARG C 133 16.86 -13.88 19.65
C ARG C 133 17.81 -12.72 19.98
N LEU C 134 17.47 -11.95 21.01
CA LEU C 134 18.40 -10.95 21.56
C LEU C 134 19.80 -11.53 21.74
N ALA C 135 19.86 -12.77 22.23
CA ALA C 135 21.14 -13.39 22.52
C ALA C 135 22.03 -13.56 21.28
N TYR C 136 21.40 -13.74 20.12
CA TYR C 136 22.13 -13.84 18.83
C TYR C 136 22.81 -12.48 18.58
N ALA C 137 22.05 -11.40 18.82
CA ALA C 137 22.58 -10.03 18.68
C ALA C 137 23.71 -9.79 19.72
N GLN C 138 23.49 -10.24 20.95
CA GLN C 138 24.46 -10.01 22.05
C GLN C 138 25.79 -10.66 21.75
N ALA C 139 25.77 -11.79 21.02
CA ALA C 139 26.95 -12.53 20.63
C ALA C 139 27.64 -11.93 19.39
N GLY C 140 27.12 -10.83 18.89
CA GLY C 140 27.70 -10.16 17.73
C GLY C 140 27.12 -10.57 16.37
N GLY C 141 26.03 -11.33 16.39
CA GLY C 141 25.22 -11.54 15.20
C GLY C 141 24.34 -10.32 14.98
N ILE C 142 23.70 -10.28 13.82
CA ILE C 142 22.74 -9.20 13.47
C ILE C 142 21.38 -9.83 13.29
N VAL C 143 20.43 -9.38 14.08
CA VAL C 143 19.05 -9.84 13.97
C VAL C 143 18.37 -8.83 13.05
N PHE C 144 18.17 -9.20 11.80
CA PHE C 144 17.70 -8.25 10.77
C PHE C 144 16.20 -8.39 10.55
N GLU C 145 15.47 -7.29 10.73
CA GLU C 145 14.01 -7.29 10.54
C GLU C 145 13.67 -6.27 9.46
N PRO C 146 13.75 -6.65 8.19
CA PRO C 146 13.52 -5.65 7.15
C PRO C 146 12.14 -5.04 7.09
N PHE C 147 11.12 -5.75 7.51
CA PHE C 147 9.76 -5.24 7.51
C PHE C 147 8.92 -5.90 8.57
N PHE C 148 7.75 -5.31 8.81
CA PHE C 148 6.74 -5.79 9.71
C PHE C 148 5.78 -6.74 8.96
N ILE C 149 5.74 -7.99 9.38
CA ILE C 149 4.84 -8.96 8.74
C ILE C 149 3.35 -8.62 9.02
N SER C 150 3.12 -7.94 10.15
CA SER C 150 1.80 -7.43 10.48
C SER C 150 1.29 -6.29 9.60
N ASN C 151 2.16 -5.72 8.76
CA ASN C 151 1.80 -4.60 7.86
C ASN C 151 1.41 -5.15 6.51
N ASP C 152 0.11 -5.13 6.22
CA ASP C 152 -0.39 -5.75 4.98
C ASP C 152 0.25 -5.18 3.74
N THR C 153 0.49 -3.86 3.71
CA THR C 153 1.03 -3.20 2.55
C THR C 153 2.47 -3.64 2.30
N ASP C 154 3.21 -3.67 3.39
CA ASP C 154 4.64 -3.92 3.35
C ASP C 154 4.86 -5.39 3.03
N LEU C 155 4.04 -6.25 3.61
CA LEU C 155 4.08 -7.69 3.39
C LEU C 155 3.83 -7.95 1.91
N ALA C 156 2.83 -7.26 1.36
CA ALA C 156 2.53 -7.45 -0.06
C ALA C 156 3.68 -7.05 -0.94
N LEU C 157 4.33 -5.92 -0.65
CA LEU C 157 5.50 -5.51 -1.40
C LEU C 157 6.64 -6.56 -1.30
N PHE C 158 6.86 -7.09 -0.10
CA PHE C 158 7.88 -8.14 0.06
C PHE C 158 7.57 -9.31 -0.85
N LYS C 159 6.31 -9.74 -0.82
CA LYS C 159 5.89 -10.93 -1.54
C LYS C 159 6.07 -10.78 -3.02
N THR C 160 5.81 -9.59 -3.58
CA THR C 160 5.92 -9.39 -5.03
C THR C 160 7.35 -9.01 -5.53
N THR C 161 8.21 -8.55 -4.61
CA THR C 161 9.53 -8.11 -4.98
C THR C 161 10.69 -8.82 -4.19
N LYS C 162 10.38 -9.91 -3.50
CA LYS C 162 11.40 -10.50 -2.60
C LYS C 162 12.72 -10.90 -3.28
N TRP C 163 12.68 -11.39 -4.52
CA TRP C 163 13.93 -11.79 -5.16
C TRP C 163 14.84 -10.56 -5.40
N GLY C 164 14.23 -9.42 -5.72
CA GLY C 164 14.98 -8.18 -5.88
C GLY C 164 15.47 -7.62 -4.54
N ILE C 165 14.63 -7.74 -3.51
CA ILE C 165 15.00 -7.29 -2.16
C ILE C 165 16.20 -8.13 -1.68
N CYS C 166 16.11 -9.43 -1.86
CA CYS C 166 17.18 -10.32 -1.43
C CYS C 166 18.46 -10.05 -2.22
N ARG C 167 18.35 -9.73 -3.50
CA ARG C 167 19.51 -9.39 -4.29
C ARG C 167 20.12 -8.08 -3.80
N ALA C 168 19.30 -7.07 -3.45
CA ALA C 168 19.83 -5.85 -2.87
C ALA C 168 20.66 -6.11 -1.59
N ILE C 169 20.14 -6.98 -0.74
CA ILE C 169 20.83 -7.39 0.47
C ILE C 169 22.17 -8.07 0.16
N ALA C 170 22.14 -9.06 -0.73
CA ALA C 170 23.35 -9.80 -1.11
C ALA C 170 24.42 -8.90 -1.70
N ASP C 171 24.00 -8.02 -2.60
CA ASP C 171 24.89 -7.04 -3.23
C ASP C 171 25.61 -6.19 -2.14
N ALA C 172 24.84 -5.71 -1.18
CA ALA C 172 25.38 -4.87 -0.09
C ALA C 172 26.41 -5.62 0.72
N ILE C 173 26.12 -6.87 1.05
CA ILE C 173 27.04 -7.69 1.84
C ILE C 173 28.32 -7.87 1.06
N ALA C 174 28.15 -8.29 -0.19
CA ALA C 174 29.32 -8.61 -1.02
C ALA C 174 30.19 -7.37 -1.18
N GLU C 176 30.33 -4.61 0.79
CA GLU C 176 30.96 -4.23 2.04
C GLU C 176 32.17 -5.10 2.38
N LEU C 177 32.16 -6.35 1.91
CA LEU C 177 33.27 -7.25 2.13
C LEU C 177 34.41 -7.04 1.15
N GLY C 178 34.22 -6.19 0.15
CA GLY C 178 35.27 -5.88 -0.82
C GLY C 178 35.09 -6.45 -2.22
N ALA C 179 33.95 -7.08 -2.50
CA ALA C 179 33.72 -7.63 -3.85
C ALA C 179 33.10 -6.58 -4.80
N ALA C 180 33.43 -6.66 -6.09
CA ALA C 180 32.71 -5.86 -7.09
C ALA C 180 31.26 -6.34 -7.26
N LYS C 181 30.34 -5.39 -7.42
CA LYS C 181 28.94 -5.71 -7.69
C LYS C 181 28.82 -6.54 -8.95
N VAL C 182 27.86 -7.47 -8.95
CA VAL C 182 27.56 -8.22 -10.16
C VAL C 182 26.13 -7.91 -10.60
N SER D 3 24.68 -33.84 -20.64
CA SER D 3 24.12 -33.54 -22.00
C SER D 3 22.58 -33.57 -21.99
N LYS D 4 21.95 -33.96 -20.87
CA LYS D 4 20.48 -33.89 -20.80
C LYS D 4 20.12 -32.46 -20.40
N ILE D 5 19.01 -31.98 -20.92
CA ILE D 5 18.69 -30.54 -20.88
C ILE D 5 17.25 -30.40 -20.38
N ILE D 6 17.09 -29.56 -19.37
CA ILE D 6 15.78 -29.27 -18.78
C ILE D 6 15.47 -27.79 -19.03
N CYS D 7 14.26 -27.52 -19.49
CA CYS D 7 13.76 -26.14 -19.67
C CYS D 7 12.73 -25.90 -18.60
N LEU D 8 12.93 -24.83 -17.82
CA LEU D 8 11.96 -24.42 -16.80
C LEU D 8 11.63 -22.96 -17.01
N THR D 9 10.34 -22.68 -17.06
CA THR D 9 9.85 -21.28 -17.18
C THR D 9 8.76 -21.01 -16.19
N ALA D 10 8.35 -19.75 -16.08
CA ALA D 10 7.28 -19.37 -15.17
C ALA D 10 6.13 -18.72 -15.93
N GLY D 11 4.92 -19.04 -15.52
CA GLY D 11 3.73 -18.43 -16.09
C GLY D 11 3.53 -17.01 -15.59
N HIS D 12 3.02 -16.15 -16.48
CA HIS D 12 2.52 -14.81 -16.10
C HIS D 12 3.63 -13.81 -15.79
N SER D 13 3.24 -12.57 -15.51
CA SER D 13 4.22 -11.47 -15.47
C SER D 13 3.83 -10.57 -14.34
N ASN D 14 4.67 -9.58 -14.08
CA ASN D 14 4.35 -8.62 -13.03
C ASN D 14 3.05 -7.87 -13.33
N THR D 15 2.85 -7.47 -14.59
CA THR D 15 1.66 -6.72 -15.00
C THR D 15 0.39 -7.58 -15.19
N ASP D 16 0.53 -8.77 -15.79
CA ASP D 16 -0.56 -9.78 -15.79
C ASP D 16 -0.11 -10.93 -14.93
N PRO D 17 -0.39 -10.85 -13.62
CA PRO D 17 0.15 -11.86 -12.71
C PRO D 17 -0.64 -13.15 -12.59
N GLY D 18 -1.62 -13.38 -13.47
CA GLY D 18 -2.45 -14.55 -13.39
C GLY D 18 -3.43 -14.51 -12.24
N ALA D 19 -3.77 -15.67 -11.69
CA ALA D 19 -4.77 -15.76 -10.65
C ALA D 19 -4.19 -15.21 -9.37
N VAL D 20 -5.02 -14.56 -8.55
CA VAL D 20 -4.54 -14.02 -7.27
C VAL D 20 -5.44 -14.45 -6.13
N ASN D 21 -4.86 -14.54 -4.95
CA ASN D 21 -5.63 -14.84 -3.77
C ASN D 21 -5.08 -13.93 -2.67
N GLY D 22 -5.76 -12.82 -2.42
CA GLY D 22 -5.23 -11.82 -1.47
C GLY D 22 -3.96 -11.24 -2.04
N SER D 23 -2.85 -11.26 -1.29
CA SER D 23 -1.57 -10.75 -1.81
C SER D 23 -0.70 -11.88 -2.39
N ASP D 24 -1.26 -13.09 -2.48
CA ASP D 24 -0.59 -14.20 -3.17
C ASP D 24 -0.95 -14.16 -4.64
N ARG D 25 0.06 -14.07 -5.50
CA ARG D 25 -0.14 -13.98 -6.96
C ARG D 25 0.50 -15.17 -7.66
N GLU D 26 -0.22 -15.72 -8.65
CA GLU D 26 0.31 -16.83 -9.44
C GLU D 26 1.71 -16.56 -9.98
N ALA D 27 1.96 -15.37 -10.53
CA ALA D 27 3.24 -15.07 -11.17
C ALA D 27 4.35 -15.21 -10.15
N ASP D 28 4.06 -14.81 -8.92
CA ASP D 28 5.08 -14.87 -7.87
C ASP D 28 5.36 -16.33 -7.45
N LEU D 29 4.30 -17.12 -7.30
CA LEU D 29 4.45 -18.51 -6.87
C LEU D 29 5.16 -19.29 -7.96
N ALA D 30 4.79 -19.01 -9.23
CA ALA D 30 5.47 -19.63 -10.38
C ALA D 30 6.95 -19.31 -10.43
N GLN D 31 7.31 -18.07 -10.17
CA GLN D 31 8.71 -17.65 -10.10
C GLN D 31 9.49 -18.45 -9.02
N ASP D 32 8.86 -18.63 -7.85
CA ASP D 32 9.48 -19.39 -6.76
C ASP D 32 9.71 -20.80 -7.24
N ARG D 34 9.90 -22.14 -10.30
CA ARG D 34 10.92 -22.20 -11.33
C ARG D 34 12.32 -22.03 -10.73
N ASN D 35 12.50 -21.05 -9.89
CA ASN D 35 13.83 -20.73 -9.36
C ASN D 35 14.39 -21.82 -8.46
N ILE D 36 13.52 -22.33 -7.59
CA ILE D 36 13.92 -23.33 -6.59
C ILE D 36 14.22 -24.64 -7.30
N VAL D 37 13.31 -25.09 -8.15
CA VAL D 37 13.59 -26.34 -8.90
C VAL D 37 14.87 -26.19 -9.71
N ALA D 38 15.05 -25.08 -10.41
CA ALA D 38 16.24 -24.89 -11.27
C ALA D 38 17.51 -24.96 -10.43
N SER D 39 17.50 -24.32 -9.27
CA SER D 39 18.68 -24.23 -8.40
C SER D 39 19.09 -25.63 -7.93
N ILE D 40 18.11 -26.43 -7.53
CA ILE D 40 18.40 -27.79 -7.08
C ILE D 40 18.94 -28.68 -8.20
N LEU D 41 18.32 -28.62 -9.36
CA LEU D 41 18.81 -29.40 -10.49
C LEU D 41 20.26 -29.01 -10.80
N ARG D 42 20.58 -27.73 -10.77
CA ARG D 42 21.94 -27.26 -11.06
C ARG D 42 22.91 -27.64 -9.95
N ASN D 43 22.55 -27.28 -8.72
CA ASN D 43 23.43 -27.41 -7.54
C ASN D 43 23.69 -28.86 -7.19
N ASP D 44 22.62 -29.66 -7.08
CA ASP D 44 22.72 -31.05 -6.60
C ASP D 44 23.10 -32.06 -7.67
N TYR D 45 22.72 -31.80 -8.91
CA TYR D 45 22.93 -32.78 -10.00
C TYR D 45 23.87 -32.32 -11.11
N GLY D 46 24.20 -31.05 -11.14
CA GLY D 46 25.03 -30.50 -12.21
C GLY D 46 24.37 -30.53 -13.56
N LEU D 47 23.03 -30.52 -13.60
CA LEU D 47 22.32 -30.61 -14.84
C LEU D 47 22.21 -29.23 -15.52
N THR D 48 22.13 -29.26 -16.85
CA THR D 48 21.85 -28.09 -17.67
C THR D 48 20.39 -27.72 -17.59
N VAL D 49 20.11 -26.53 -17.07
CA VAL D 49 18.75 -26.00 -17.02
C VAL D 49 18.73 -24.67 -17.76
N LYS D 50 17.84 -24.60 -18.74
CA LYS D 50 17.57 -23.37 -19.49
C LYS D 50 16.31 -22.74 -18.97
N THR D 51 16.35 -21.45 -18.72
CA THR D 51 15.20 -20.79 -18.14
C THR D 51 14.90 -19.44 -18.79
N ASP D 52 13.80 -18.88 -18.33
CA ASP D 52 13.39 -17.47 -18.62
C ASP D 52 13.86 -16.51 -17.52
N GLY D 53 14.91 -16.89 -16.83
CA GLY D 53 15.61 -16.04 -15.90
C GLY D 53 15.16 -16.34 -14.51
N THR D 54 15.49 -15.43 -13.57
CA THR D 54 15.08 -15.58 -12.17
C THR D 54 13.98 -14.58 -11.77
N GLY D 55 13.54 -13.76 -12.72
CA GLY D 55 12.47 -12.80 -12.45
C GLY D 55 11.08 -13.35 -12.69
N LYS D 56 10.16 -12.51 -13.13
CA LYS D 56 8.84 -13.02 -13.50
C LYS D 56 8.90 -13.69 -14.86
N GLY D 57 7.83 -14.33 -15.27
CA GLY D 57 7.86 -15.15 -16.49
C GLY D 57 7.10 -14.56 -17.67
N ASN D 58 6.31 -15.42 -18.35
CA ASN D 58 5.60 -15.07 -19.58
C ASN D 58 6.58 -14.74 -20.73
N PRO D 60 7.89 -14.79 -24.33
CA PRO D 60 7.18 -14.97 -25.61
C PRO D 60 7.31 -16.39 -26.15
N LEU D 61 6.18 -16.92 -26.59
CA LEU D 61 6.06 -18.28 -27.13
C LEU D 61 7.16 -18.57 -28.13
N ARG D 62 7.34 -17.66 -29.07
CA ARG D 62 8.41 -17.79 -30.06
C ARG D 62 9.71 -18.18 -29.41
N ASP D 63 10.06 -17.47 -28.33
CA ASP D 63 11.32 -17.70 -27.65
C ASP D 63 11.24 -18.97 -26.81
N ALA D 64 10.07 -19.23 -26.22
CA ALA D 64 9.86 -20.44 -25.41
C ALA D 64 9.99 -21.72 -26.24
N VAL D 65 9.36 -21.73 -27.42
CA VAL D 65 9.40 -22.86 -28.33
C VAL D 65 10.82 -23.31 -28.66
N LYS D 66 11.77 -22.38 -28.71
CA LYS D 66 13.18 -22.71 -28.96
C LYS D 66 13.79 -23.48 -27.80
N LEU D 67 13.56 -23.02 -26.57
CA LEU D 67 14.02 -23.73 -25.38
C LEU D 67 13.39 -25.11 -25.33
N ILE D 68 12.11 -25.22 -25.71
CA ILE D 68 11.41 -26.51 -25.70
C ILE D 68 12.11 -27.46 -26.64
N ARG D 69 12.43 -26.96 -27.84
CA ARG D 69 13.10 -27.75 -28.89
C ARG D 69 14.45 -28.30 -28.47
N GLY D 70 15.20 -27.51 -27.72
CA GLY D 70 16.50 -27.95 -27.24
C GLY D 70 16.50 -28.95 -26.09
N SER D 71 15.33 -29.40 -25.63
CA SER D 71 15.24 -29.97 -24.29
C SER D 71 14.68 -31.38 -24.19
N ASP D 72 15.14 -32.09 -23.17
CA ASP D 72 14.58 -33.38 -22.83
C ASP D 72 13.19 -33.23 -22.21
N VAL D 73 12.98 -32.17 -21.43
CA VAL D 73 11.68 -31.90 -20.83
C VAL D 73 11.60 -30.38 -20.61
N ALA D 74 10.41 -29.82 -20.77
CA ALA D 74 10.17 -28.38 -20.66
C ALA D 74 8.92 -28.20 -19.84
N ILE D 75 9.06 -27.47 -18.74
CA ILE D 75 7.95 -27.27 -17.79
C ILE D 75 7.79 -25.77 -17.52
N GLU D 76 6.56 -25.29 -17.59
CA GLU D 76 6.18 -23.95 -17.18
C GLU D 76 5.27 -24.05 -15.98
N PHE D 77 5.64 -23.39 -14.88
CA PHE D 77 4.87 -23.46 -13.65
C PHE D 77 3.76 -22.43 -13.63
N HIS D 78 2.61 -22.91 -13.21
CA HIS D 78 1.34 -22.19 -13.08
C HIS D 78 0.63 -22.65 -11.80
N THR D 79 -0.42 -21.93 -11.39
CA THR D 79 -1.39 -22.44 -10.45
C THR D 79 -2.74 -22.53 -11.14
N ASN D 80 -3.53 -23.53 -10.75
CA ASN D 80 -4.94 -23.59 -11.15
C ASN D 80 -5.74 -22.54 -10.36
N ALA D 81 -7.00 -22.37 -10.74
CA ALA D 81 -7.91 -21.50 -10.03
C ALA D 81 -9.35 -21.83 -10.44
N ALA D 82 -10.28 -21.65 -9.53
CA ALA D 82 -11.70 -21.86 -9.79
C ALA D 82 -12.52 -20.93 -8.89
N ALA D 83 -13.76 -20.64 -9.30
CA ALA D 83 -14.63 -19.80 -8.48
C ALA D 83 -14.99 -20.57 -7.24
N ASN D 84 -15.08 -21.89 -7.40
CA ASN D 84 -15.32 -22.79 -6.32
C ASN D 84 -14.03 -22.93 -5.53
N LYS D 85 -13.96 -22.27 -4.38
CA LYS D 85 -12.72 -22.24 -3.58
C LYS D 85 -12.46 -23.55 -2.84
N THR D 86 -13.23 -24.60 -3.14
CA THR D 86 -12.99 -25.91 -2.58
C THR D 86 -12.41 -26.84 -3.65
N ALA D 87 -12.36 -26.41 -4.90
CA ALA D 87 -11.72 -27.20 -5.96
C ALA D 87 -10.26 -27.39 -5.57
N THR D 88 -9.76 -28.58 -5.89
CA THR D 88 -8.47 -29.03 -5.40
C THR D 88 -7.85 -30.06 -6.35
N GLY D 89 -6.52 -30.08 -6.39
CA GLY D 89 -5.81 -31.19 -7.03
C GLY D 89 -4.74 -30.71 -7.98
N ILE D 90 -3.97 -31.72 -8.46
CA ILE D 90 -2.78 -31.55 -9.25
C ILE D 90 -3.08 -31.93 -10.69
N GLU D 91 -2.69 -31.09 -11.64
CA GLU D 91 -2.70 -31.52 -13.05
C GLU D 91 -1.59 -30.84 -13.84
N ALA D 92 -1.23 -31.49 -14.93
CA ALA D 92 -0.22 -30.99 -15.85
C ALA D 92 -0.79 -31.23 -17.22
N LEU D 93 -0.81 -30.17 -18.02
CA LEU D 93 -1.39 -30.17 -19.37
C LEU D 93 -0.28 -30.27 -20.40
N SER D 94 -0.41 -31.21 -21.35
CA SER D 94 0.61 -31.37 -22.37
C SER D 94 0.11 -32.26 -23.49
N THR D 95 0.96 -32.39 -24.49
CA THR D 95 0.73 -33.36 -25.57
C THR D 95 0.89 -34.75 -24.97
N PRO D 96 0.26 -35.78 -25.59
CA PRO D 96 0.49 -37.14 -25.10
C PRO D 96 1.93 -37.64 -25.05
N LYS D 97 2.78 -37.12 -25.90
CA LYS D 97 4.22 -37.44 -25.82
C LYS D 97 4.72 -37.28 -24.39
N ASN D 98 4.22 -36.25 -23.71
CA ASN D 98 4.68 -35.91 -22.37
C ASN D 98 3.82 -36.52 -21.24
N LYS D 99 2.95 -37.48 -21.54
CA LYS D 99 2.11 -38.07 -20.50
C LYS D 99 2.91 -38.61 -19.32
N ARG D 100 3.88 -39.44 -19.61
CA ARG D 100 4.72 -40.00 -18.57
C ARG D 100 5.37 -38.91 -17.71
N TRP D 101 5.96 -37.92 -18.35
CA TRP D 101 6.53 -36.80 -17.60
C TRP D 101 5.50 -36.12 -16.69
N CYS D 102 4.29 -35.91 -17.20
CA CYS D 102 3.24 -35.26 -16.38
C CYS D 102 2.93 -36.06 -15.14
N GLN D 103 2.94 -37.39 -15.31
CA GLN D 103 2.61 -38.34 -14.23
C GLN D 103 3.76 -38.38 -13.20
N VAL D 104 5.00 -38.36 -13.70
CA VAL D 104 6.17 -38.30 -12.82
C VAL D 104 6.09 -37.05 -11.93
N LEU D 105 5.80 -35.91 -12.56
CA LEU D 105 5.75 -34.64 -11.85
C LEU D 105 4.62 -34.64 -10.81
N GLY D 106 3.43 -35.03 -11.26
CA GLY D 106 2.25 -35.06 -10.40
C GLY D 106 2.39 -35.92 -9.18
N LYS D 107 2.94 -37.12 -9.40
CA LYS D 107 3.14 -38.08 -8.35
C LYS D 107 4.12 -37.57 -7.29
N ALA D 108 5.17 -36.86 -7.72
CA ALA D 108 6.16 -36.30 -6.81
C ALA D 108 5.50 -35.35 -5.85
N VAL D 109 4.65 -34.47 -6.40
CA VAL D 109 3.95 -33.49 -5.59
C VAL D 109 2.88 -34.17 -4.71
N ALA D 110 2.15 -35.16 -5.25
CA ALA D 110 1.14 -35.84 -4.44
C ALA D 110 1.75 -36.48 -3.21
N LYS D 111 2.93 -37.09 -3.35
CA LYS D 111 3.55 -37.78 -2.22
C LYS D 111 3.75 -36.80 -1.04
N LYS D 112 4.15 -35.57 -1.35
CA LYS D 112 4.54 -34.58 -0.34
C LYS D 112 3.36 -33.86 0.30
N THR D 113 2.21 -33.90 -0.37
CA THR D 113 1.09 -33.04 -0.02
C THR D 113 -0.24 -33.75 0.33
N GLY D 114 -0.43 -34.98 -0.13
CA GLY D 114 -1.73 -35.61 0.05
C GLY D 114 -2.75 -35.04 -0.95
N TRP D 115 -2.28 -34.24 -1.92
CA TRP D 115 -3.22 -33.63 -2.89
C TRP D 115 -3.62 -34.68 -3.92
N LYS D 116 -4.84 -34.54 -4.42
CA LYS D 116 -5.43 -35.45 -5.39
C LYS D 116 -4.79 -35.26 -6.75
N LEU D 117 -4.51 -36.36 -7.45
CA LEU D 117 -4.11 -36.26 -8.86
C LEU D 117 -5.36 -36.20 -9.75
N ARG D 118 -5.50 -35.11 -10.49
CA ARG D 118 -6.54 -34.97 -11.47
C ARG D 118 -6.14 -35.63 -12.81
N GLY D 119 -7.10 -35.74 -13.74
CA GLY D 119 -6.79 -36.36 -15.03
C GLY D 119 -6.30 -37.79 -14.84
N GLU D 120 -5.42 -38.23 -15.73
CA GLU D 120 -4.85 -39.57 -15.65
C GLU D 120 -3.57 -39.52 -14.84
N ASP D 121 -3.70 -39.78 -13.54
CA ASP D 121 -2.58 -39.68 -12.59
C ASP D 121 -1.80 -38.38 -12.80
N GLY D 122 -2.54 -37.27 -12.96
CA GLY D 122 -1.94 -35.95 -13.12
C GLY D 122 -1.89 -35.41 -14.54
N PHE D 123 -2.10 -36.25 -15.56
CA PHE D 123 -2.01 -35.82 -16.94
C PHE D 123 -3.36 -35.39 -17.52
N LYS D 124 -3.37 -34.24 -18.18
CA LYS D 124 -4.50 -33.82 -19.01
C LYS D 124 -4.00 -33.39 -20.39
N PRO D 125 -4.68 -33.86 -21.47
CA PRO D 125 -4.15 -33.59 -22.80
C PRO D 125 -4.42 -32.21 -23.30
N ASP D 126 -3.58 -31.76 -24.23
CA ASP D 126 -3.73 -30.44 -24.86
C ASP D 126 -4.99 -30.33 -25.74
N ASN D 127 -5.37 -31.43 -26.39
CA ASN D 127 -6.56 -31.42 -27.28
C ASN D 127 -7.89 -31.12 -26.59
N ALA D 128 -7.97 -31.35 -25.28
CA ALA D 128 -9.14 -31.00 -24.46
C ALA D 128 -8.88 -29.77 -23.58
N GLY D 129 -7.75 -29.10 -23.83
CA GLY D 129 -7.28 -28.05 -22.93
C GLY D 129 -7.94 -26.71 -23.17
N GLN D 130 -8.14 -25.97 -22.07
CA GLN D 130 -8.49 -24.55 -22.13
C GLN D 130 -7.56 -23.81 -21.16
N HIS D 131 -6.62 -23.03 -21.70
CA HIS D 131 -5.56 -22.39 -20.88
C HIS D 131 -4.84 -21.25 -21.65
N SER D 132 -4.32 -20.25 -20.92
CA SER D 132 -3.64 -19.09 -21.54
C SER D 132 -2.33 -19.47 -22.26
N ARG D 133 -1.70 -20.54 -21.82
CA ARG D 133 -0.47 -21.01 -22.41
C ARG D 133 -0.70 -22.38 -23.05
N LEU D 134 -1.95 -22.64 -23.44
CA LEU D 134 -2.27 -23.86 -24.17
C LEU D 134 -1.29 -24.02 -25.33
N ALA D 135 -0.88 -22.90 -25.93
CA ALA D 135 0.13 -22.91 -27.00
C ALA D 135 1.47 -23.48 -26.58
N TYR D 136 1.88 -23.21 -25.33
CA TYR D 136 3.11 -23.78 -24.75
C TYR D 136 2.94 -25.28 -24.67
N ALA D 137 1.76 -25.72 -24.22
CA ALA D 137 1.44 -27.16 -24.16
C ALA D 137 1.38 -27.76 -25.56
N GLN D 138 0.67 -27.12 -26.49
CA GLN D 138 0.57 -27.66 -27.86
C GLN D 138 1.94 -27.78 -28.52
N ALA D 139 2.82 -26.83 -28.18
CA ALA D 139 4.18 -26.81 -28.68
C ALA D 139 5.05 -27.91 -28.09
N GLY D 140 4.53 -28.65 -27.10
CA GLY D 140 5.29 -29.77 -26.54
C GLY D 140 5.91 -29.48 -25.18
N GLY D 141 5.57 -28.34 -24.62
CA GLY D 141 5.93 -28.07 -23.23
C GLY D 141 4.89 -28.64 -22.28
N ILE D 142 5.18 -28.58 -20.99
CA ILE D 142 4.24 -29.04 -19.96
C ILE D 142 3.81 -27.84 -19.15
N VAL D 143 2.52 -27.61 -19.09
CA VAL D 143 1.95 -26.56 -18.22
C VAL D 143 1.59 -27.26 -16.91
N PHE D 144 2.40 -27.04 -15.88
CA PHE D 144 2.22 -27.75 -14.64
C PHE D 144 1.48 -26.87 -13.62
N GLU D 145 0.38 -27.41 -13.12
CA GLU D 145 -0.51 -26.68 -12.19
C GLU D 145 -0.67 -27.51 -10.91
N PRO D 146 0.33 -27.45 -10.02
CA PRO D 146 0.32 -28.36 -8.86
C PRO D 146 -0.81 -28.18 -7.88
N PHE D 147 -1.34 -26.97 -7.79
CA PHE D 147 -2.46 -26.71 -6.91
C PHE D 147 -3.30 -25.51 -7.39
N PHE D 148 -4.50 -25.40 -6.77
CA PHE D 148 -5.44 -24.26 -6.96
C PHE D 148 -5.08 -23.13 -6.01
N ILE D 149 -4.66 -22.00 -6.54
CA ILE D 149 -4.34 -20.84 -5.71
C ILE D 149 -5.60 -20.35 -4.99
N SER D 150 -6.75 -20.72 -5.54
CA SER D 150 -8.05 -20.35 -4.95
C SER D 150 -8.46 -21.20 -3.75
N ASN D 151 -7.76 -22.31 -3.51
CA ASN D 151 -7.97 -23.18 -2.39
C ASN D 151 -7.12 -22.71 -1.25
N ASP D 152 -7.74 -22.00 -0.31
CA ASP D 152 -6.97 -21.39 0.78
C ASP D 152 -6.12 -22.39 1.57
N THR D 153 -6.65 -23.58 1.84
CA THR D 153 -5.98 -24.60 2.61
C THR D 153 -4.79 -25.15 1.82
N ASP D 154 -5.02 -25.50 0.57
CA ASP D 154 -3.89 -26.01 -0.24
C ASP D 154 -2.80 -24.93 -0.41
N LEU D 155 -3.21 -23.69 -0.63
CA LEU D 155 -2.28 -22.58 -0.77
C LEU D 155 -1.43 -22.45 0.51
N ALA D 156 -2.05 -22.58 1.68
CA ALA D 156 -1.33 -22.52 3.00
C ALA D 156 -0.32 -23.66 3.13
N LEU D 157 -0.70 -24.84 2.71
CA LEU D 157 0.24 -25.96 2.73
C LEU D 157 1.41 -25.69 1.79
N PHE D 158 1.13 -25.19 0.59
CA PHE D 158 2.21 -24.84 -0.34
C PHE D 158 3.19 -23.84 0.32
N LYS D 159 2.65 -22.75 0.88
CA LYS D 159 3.48 -21.71 1.41
C LYS D 159 4.37 -22.24 2.52
N THR D 160 3.88 -23.16 3.34
CA THR D 160 4.65 -23.68 4.50
C THR D 160 5.57 -24.83 4.16
N THR D 161 5.40 -25.42 2.97
CA THR D 161 6.18 -26.61 2.59
C THR D 161 6.82 -26.49 1.19
N LYS D 162 6.79 -25.31 0.61
CA LYS D 162 7.29 -24.99 -0.74
C LYS D 162 8.67 -25.59 -1.07
N TRP D 163 9.64 -25.37 -0.18
CA TRP D 163 11.02 -25.78 -0.48
C TRP D 163 11.06 -27.29 -0.58
N GLY D 164 10.33 -28.01 0.27
CA GLY D 164 10.30 -29.47 0.18
C GLY D 164 9.53 -29.96 -1.05
N ILE D 165 8.47 -29.25 -1.43
CA ILE D 165 7.71 -29.62 -2.63
C ILE D 165 8.60 -29.47 -3.88
N CYS D 166 9.28 -28.32 -3.95
CA CYS D 166 10.17 -28.03 -5.09
C CYS D 166 11.34 -28.99 -5.14
N ARG D 167 11.89 -29.34 -3.99
CA ARG D 167 12.93 -30.38 -3.99
C ARG D 167 12.41 -31.71 -4.50
N ALA D 168 11.20 -32.10 -4.09
CA ALA D 168 10.60 -33.35 -4.60
C ALA D 168 10.48 -33.35 -6.13
N ILE D 169 10.07 -32.20 -6.66
CA ILE D 169 9.95 -32.00 -8.13
C ILE D 169 11.33 -32.14 -8.80
N ALA D 170 12.35 -31.43 -8.28
CA ALA D 170 13.72 -31.50 -8.86
C ALA D 170 14.22 -32.95 -8.82
N ASP D 171 14.07 -33.60 -7.66
CA ASP D 171 14.58 -34.97 -7.49
C ASP D 171 13.87 -35.94 -8.44
N ALA D 172 12.56 -35.76 -8.65
CA ALA D 172 11.79 -36.60 -9.56
C ALA D 172 12.27 -36.42 -11.02
N ILE D 173 12.52 -35.16 -11.40
CA ILE D 173 13.04 -34.85 -12.73
C ILE D 173 14.38 -35.57 -12.96
N ALA D 174 15.27 -35.47 -11.99
CA ALA D 174 16.59 -36.04 -12.13
C ALA D 174 16.50 -37.55 -12.22
N GLU D 176 14.03 -39.40 -13.23
CA GLU D 176 13.44 -39.82 -14.49
C GLU D 176 14.44 -39.70 -15.64
N LEU D 177 15.28 -38.68 -15.59
CA LEU D 177 16.42 -38.53 -16.54
C LEU D 177 17.62 -39.49 -16.29
N GLY D 178 17.60 -40.20 -15.18
CA GLY D 178 18.71 -41.12 -14.83
C GLY D 178 19.92 -40.40 -14.24
N ALA D 179 19.73 -39.15 -13.82
CA ALA D 179 20.83 -38.31 -13.30
C ALA D 179 21.04 -38.52 -11.81
N ALA D 180 22.25 -38.90 -11.42
CA ALA D 180 22.57 -39.10 -10.00
C ALA D 180 23.13 -37.81 -9.41
N LYS D 181 22.97 -37.60 -8.10
CA LYS D 181 23.57 -36.41 -7.47
C LYS D 181 25.08 -36.49 -7.57
N VAL D 182 25.72 -35.34 -7.62
CA VAL D 182 27.16 -35.23 -7.71
C VAL D 182 27.80 -34.85 -6.37
#